data_4RKV
# 
_entry.id   4RKV 
# 
_audit_conform.dict_name       mmcif_pdbx.dic 
_audit_conform.dict_version    5.387 
_audit_conform.dict_location   http://mmcif.pdb.org/dictionaries/ascii/mmcif_pdbx.dic 
# 
loop_
_database_2.database_id 
_database_2.database_code 
_database_2.pdbx_database_accession 
_database_2.pdbx_DOI 
PDB   4RKV         pdb_00004rkv 10.2210/pdb4rkv/pdb 
NDB   NA3254       ?            ?                   
RCSB  RCSB087472   ?            ?                   
WWPDB D_1000087472 ?            ?                   
# 
loop_
_pdbx_audit_revision_history.ordinal 
_pdbx_audit_revision_history.data_content_type 
_pdbx_audit_revision_history.major_revision 
_pdbx_audit_revision_history.minor_revision 
_pdbx_audit_revision_history.revision_date 
1 'Structure model' 1 0 2014-11-19 
2 'Structure model' 1 1 2015-06-24 
3 'Structure model' 1 2 2024-02-28 
# 
_pdbx_audit_revision_details.ordinal             1 
_pdbx_audit_revision_details.revision_ordinal    1 
_pdbx_audit_revision_details.data_content_type   'Structure model' 
_pdbx_audit_revision_details.provider            repository 
_pdbx_audit_revision_details.type                'Initial release' 
_pdbx_audit_revision_details.description         ? 
_pdbx_audit_revision_details.details             ? 
# 
loop_
_pdbx_audit_revision_group.ordinal 
_pdbx_audit_revision_group.revision_ordinal 
_pdbx_audit_revision_group.data_content_type 
_pdbx_audit_revision_group.group 
1 2 'Structure model' 'Database references'  
2 3 'Structure model' 'Data collection'      
3 3 'Structure model' 'Database references'  
4 3 'Structure model' 'Derived calculations' 
# 
loop_
_pdbx_audit_revision_category.ordinal 
_pdbx_audit_revision_category.revision_ordinal 
_pdbx_audit_revision_category.data_content_type 
_pdbx_audit_revision_category.category 
1 3 'Structure model' chem_comp_atom         
2 3 'Structure model' chem_comp_bond         
3 3 'Structure model' database_2             
4 3 'Structure model' pdbx_struct_conn_angle 
5 3 'Structure model' struct_conn            
6 3 'Structure model' struct_site            
# 
loop_
_pdbx_audit_revision_item.ordinal 
_pdbx_audit_revision_item.revision_ordinal 
_pdbx_audit_revision_item.data_content_type 
_pdbx_audit_revision_item.item 
1  3 'Structure model' '_database_2.pdbx_DOI'                        
2  3 'Structure model' '_database_2.pdbx_database_accession'         
3  3 'Structure model' '_pdbx_struct_conn_angle.ptnr1_auth_asym_id'  
4  3 'Structure model' '_pdbx_struct_conn_angle.ptnr1_auth_comp_id'  
5  3 'Structure model' '_pdbx_struct_conn_angle.ptnr1_auth_seq_id'   
6  3 'Structure model' '_pdbx_struct_conn_angle.ptnr1_label_alt_id'  
7  3 'Structure model' '_pdbx_struct_conn_angle.ptnr1_label_asym_id' 
8  3 'Structure model' '_pdbx_struct_conn_angle.ptnr1_label_atom_id' 
9  3 'Structure model' '_pdbx_struct_conn_angle.ptnr1_label_comp_id' 
10 3 'Structure model' '_pdbx_struct_conn_angle.ptnr1_label_seq_id'  
11 3 'Structure model' '_pdbx_struct_conn_angle.ptnr2_auth_asym_id'  
12 3 'Structure model' '_pdbx_struct_conn_angle.ptnr2_auth_comp_id'  
13 3 'Structure model' '_pdbx_struct_conn_angle.ptnr2_auth_seq_id'   
14 3 'Structure model' '_pdbx_struct_conn_angle.ptnr2_label_alt_id'  
15 3 'Structure model' '_pdbx_struct_conn_angle.ptnr2_label_asym_id' 
16 3 'Structure model' '_pdbx_struct_conn_angle.ptnr2_label_atom_id' 
17 3 'Structure model' '_pdbx_struct_conn_angle.ptnr2_label_comp_id' 
18 3 'Structure model' '_pdbx_struct_conn_angle.ptnr3_auth_asym_id'  
19 3 'Structure model' '_pdbx_struct_conn_angle.ptnr3_auth_comp_id'  
20 3 'Structure model' '_pdbx_struct_conn_angle.ptnr3_auth_seq_id'   
21 3 'Structure model' '_pdbx_struct_conn_angle.ptnr3_label_alt_id'  
22 3 'Structure model' '_pdbx_struct_conn_angle.ptnr3_label_asym_id' 
23 3 'Structure model' '_pdbx_struct_conn_angle.ptnr3_label_atom_id' 
24 3 'Structure model' '_pdbx_struct_conn_angle.ptnr3_label_comp_id' 
25 3 'Structure model' '_pdbx_struct_conn_angle.ptnr3_label_seq_id'  
26 3 'Structure model' '_pdbx_struct_conn_angle.value'               
27 3 'Structure model' '_struct_conn.pdbx_dist_value'                
28 3 'Structure model' '_struct_conn.pdbx_ptnr1_label_alt_id'        
29 3 'Structure model' '_struct_conn.pdbx_ptnr2_label_alt_id'        
30 3 'Structure model' '_struct_conn.ptnr1_auth_asym_id'             
31 3 'Structure model' '_struct_conn.ptnr1_auth_comp_id'             
32 3 'Structure model' '_struct_conn.ptnr1_auth_seq_id'              
33 3 'Structure model' '_struct_conn.ptnr1_label_asym_id'            
34 3 'Structure model' '_struct_conn.ptnr1_label_atom_id'            
35 3 'Structure model' '_struct_conn.ptnr1_label_comp_id'            
36 3 'Structure model' '_struct_conn.ptnr1_label_seq_id'             
37 3 'Structure model' '_struct_conn.ptnr2_auth_asym_id'             
38 3 'Structure model' '_struct_conn.ptnr2_auth_comp_id'             
39 3 'Structure model' '_struct_conn.ptnr2_auth_seq_id'              
40 3 'Structure model' '_struct_conn.ptnr2_label_asym_id'            
41 3 'Structure model' '_struct_conn.ptnr2_label_atom_id'            
42 3 'Structure model' '_struct_conn.ptnr2_label_comp_id'            
43 3 'Structure model' '_struct_site.pdbx_auth_asym_id'              
44 3 'Structure model' '_struct_site.pdbx_auth_comp_id'              
45 3 'Structure model' '_struct_site.pdbx_auth_seq_id'               
# 
_pdbx_database_status.status_code                     REL 
_pdbx_database_status.entry_id                        4RKV 
_pdbx_database_status.recvd_initial_deposition_date   2014-10-14 
_pdbx_database_status.deposit_site                    RCSB 
_pdbx_database_status.process_site                    RCSB 
_pdbx_database_status.status_code_sf                  REL 
_pdbx_database_status.status_code_mr                  ? 
_pdbx_database_status.SG_entry                        ? 
_pdbx_database_status.status_code_cs                  ? 
_pdbx_database_status.methods_development_category    ? 
_pdbx_database_status.pdb_format_compatible           Y 
_pdbx_database_status.status_code_nmr_data            ? 
# 
loop_
_pdbx_database_related.db_name 
_pdbx_database_related.db_id 
_pdbx_database_related.details 
_pdbx_database_related.content_type 
PDB 1J8G . unspecified 
PDB 4RJ1 . unspecified 
# 
loop_
_audit_author.name 
_audit_author.pdbx_ordinal 
'Fyfe, A.C.'   1 
'Dunten, P.W.' 2 
'Scott, W.G.'  3 
# 
_citation.id                        primary 
_citation.title                     
'Structural Variations and Solvent Structure of r(UGGGGU) Quadruplexes Stabilized by Sr(2+) Ions.' 
_citation.journal_abbrev            J.Mol.Biol. 
_citation.journal_volume            427 
_citation.page_first                2205 
_citation.page_last                 2219 
_citation.year                      2015 
_citation.journal_id_ASTM           JMOBAK 
_citation.country                   UK 
_citation.journal_id_ISSN           0022-2836 
_citation.journal_id_CSD            0070 
_citation.book_publisher            ? 
_citation.pdbx_database_id_PubMed   25861762 
_citation.pdbx_database_id_DOI      10.1016/j.jmb.2015.03.022 
# 
loop_
_citation_author.citation_id 
_citation_author.name 
_citation_author.ordinal 
_citation_author.identifier_ORCID 
primary 'Fyfe, A.C.'    1 ? 
primary 'Dunten, P.W.'  2 ? 
primary 'Martick, M.M.' 3 ? 
primary 'Scott, W.G.'   4 ? 
# 
loop_
_entity.id 
_entity.type 
_entity.src_method 
_entity.pdbx_description 
_entity.formula_weight 
_entity.pdbx_number_of_molecules 
_entity.pdbx_ec 
_entity.pdbx_mutation 
_entity.pdbx_fragment 
_entity.details 
1 polymer     syn 
;RNA (5'-R(*UP*GP*GP*GP*GP*U)-3')
;
1948.197 2  ? ? ? ? 
2 non-polymer syn 'STRONTIUM ION'                    87.620   6  ? ? ? ? 
3 non-polymer syn 'SODIUM ION'                       22.990   2  ? ? ? ? 
4 non-polymer syn 'CALCIUM ION'                      40.078   2  ? ? ? ? 
5 water       nat water                              18.015   54 ? ? ? ? 
# 
_entity_poly.entity_id                      1 
_entity_poly.type                           polyribonucleotide 
_entity_poly.nstd_linkage                   no 
_entity_poly.nstd_monomer                   no 
_entity_poly.pdbx_seq_one_letter_code       UGGGGU 
_entity_poly.pdbx_seq_one_letter_code_can   UGGGGU 
_entity_poly.pdbx_strand_id                 A,B 
_entity_poly.pdbx_target_identifier         ? 
# 
loop_
_pdbx_entity_nonpoly.entity_id 
_pdbx_entity_nonpoly.name 
_pdbx_entity_nonpoly.comp_id 
2 'STRONTIUM ION' SR  
3 'SODIUM ION'    NA  
4 'CALCIUM ION'   CA  
5 water           HOH 
# 
loop_
_entity_poly_seq.entity_id 
_entity_poly_seq.num 
_entity_poly_seq.mon_id 
_entity_poly_seq.hetero 
1 1 U n 
1 2 G n 
1 3 G n 
1 4 G n 
1 5 G n 
1 6 U n 
# 
_pdbx_entity_src_syn.entity_id              1 
_pdbx_entity_src_syn.pdbx_src_id            1 
_pdbx_entity_src_syn.pdbx_alt_source_flag   sample 
_pdbx_entity_src_syn.pdbx_beg_seq_num       ? 
_pdbx_entity_src_syn.pdbx_end_seq_num       ? 
_pdbx_entity_src_syn.organism_scientific    'synthetic construct' 
_pdbx_entity_src_syn.organism_common_name   ? 
_pdbx_entity_src_syn.ncbi_taxonomy_id       32630 
_pdbx_entity_src_syn.details                ? 
# 
loop_
_chem_comp.id 
_chem_comp.type 
_chem_comp.mon_nstd_flag 
_chem_comp.name 
_chem_comp.pdbx_synonyms 
_chem_comp.formula 
_chem_comp.formula_weight 
CA  non-polymer   . 'CALCIUM ION'                ? 'Ca 2'            40.078  
G   'RNA linking' y "GUANOSINE-5'-MONOPHOSPHATE" ? 'C10 H14 N5 O8 P' 363.221 
HOH non-polymer   . WATER                        ? 'H2 O'            18.015  
NA  non-polymer   . 'SODIUM ION'                 ? 'Na 1'            22.990  
SR  non-polymer   . 'STRONTIUM ION'              ? 'Sr 2'            87.620  
U   'RNA linking' y "URIDINE-5'-MONOPHOSPHATE"   ? 'C9 H13 N2 O9 P'  324.181 
# 
loop_
_pdbx_poly_seq_scheme.asym_id 
_pdbx_poly_seq_scheme.entity_id 
_pdbx_poly_seq_scheme.seq_id 
_pdbx_poly_seq_scheme.mon_id 
_pdbx_poly_seq_scheme.ndb_seq_num 
_pdbx_poly_seq_scheme.pdb_seq_num 
_pdbx_poly_seq_scheme.auth_seq_num 
_pdbx_poly_seq_scheme.pdb_mon_id 
_pdbx_poly_seq_scheme.auth_mon_id 
_pdbx_poly_seq_scheme.pdb_strand_id 
_pdbx_poly_seq_scheme.pdb_ins_code 
_pdbx_poly_seq_scheme.hetero 
A 1 1 U 1 1001 1001 U U A . n 
A 1 2 G 2 1002 1002 G G A . n 
A 1 3 G 3 1003 1003 G G A . n 
A 1 4 G 4 1004 1004 G G A . n 
A 1 5 G 5 1005 1005 G G A . n 
A 1 6 U 6 1006 1006 U U A . n 
B 1 1 U 1 2001 2001 U U B . n 
B 1 2 G 2 2002 2002 G G B . n 
B 1 3 G 3 2003 2003 G G B . n 
B 1 4 G 4 2004 2004 G G B . n 
B 1 5 G 5 2005 2005 G G B . n 
B 1 6 U 6 2006 2006 U U B . n 
# 
loop_
_pdbx_nonpoly_scheme.asym_id 
_pdbx_nonpoly_scheme.entity_id 
_pdbx_nonpoly_scheme.mon_id 
_pdbx_nonpoly_scheme.ndb_seq_num 
_pdbx_nonpoly_scheme.pdb_seq_num 
_pdbx_nonpoly_scheme.auth_seq_num 
_pdbx_nonpoly_scheme.pdb_mon_id 
_pdbx_nonpoly_scheme.auth_mon_id 
_pdbx_nonpoly_scheme.pdb_strand_id 
_pdbx_nonpoly_scheme.pdb_ins_code 
C 2 SR  1  9001 9001 SR  SR  A . 
D 2 SR  1  9002 9002 SR  SR  A . 
E 3 NA  1  9003 9005 NA  NA  A . 
F 2 SR  1  9004 9101 SR  SR  A . 
G 2 SR  1  9005 9105 SR  SR  A . 
H 2 SR  1  2101 9003 SR  SR  B . 
I 2 SR  1  2102 9004 SR  SR  B . 
J 3 NA  1  2103 9006 NA  NA  B . 
K 4 CA  1  2104 9103 CA  CA  B . 
L 4 CA  1  2105 9104 CA  CA  B . 
M 5 HOH 1  9101 9108 HOH HOH A . 
M 5 HOH 2  9102 9502 HOH HOH A . 
M 5 HOH 3  9103 9503 HOH HOH A . 
M 5 HOH 4  9104 9505 HOH HOH A . 
M 5 HOH 5  9105 9506 HOH HOH A . 
M 5 HOH 6  9106 9510 HOH HOH A . 
M 5 HOH 7  9107 9512 HOH HOH A . 
M 5 HOH 8  9108 9513 HOH HOH A . 
M 5 HOH 9  9109 9517 HOH HOH A . 
M 5 HOH 10 9110 9520 HOH HOH A . 
M 5 HOH 11 9111 9524 HOH HOH A . 
M 5 HOH 12 9112 9525 HOH HOH A . 
M 5 HOH 13 9113 9536 HOH HOH A . 
M 5 HOH 14 9114 9537 HOH HOH A . 
M 5 HOH 15 9115 9540 HOH HOH A . 
M 5 HOH 16 9116 9545 HOH HOH A . 
M 5 HOH 17 9117 9547 HOH HOH A . 
M 5 HOH 18 9118 9556 HOH HOH A . 
M 5 HOH 19 9119 9567 HOH HOH A . 
M 5 HOH 20 9120 9571 HOH HOH A . 
M 5 HOH 21 9121 9574 HOH HOH A . 
M 5 HOH 22 9122 9576 HOH HOH A . 
M 5 HOH 23 9123 9581 HOH HOH A . 
M 5 HOH 24 9124 9585 HOH HOH A . 
M 5 HOH 25 9125 9586 HOH HOH A . 
M 5 HOH 26 9126 9591 HOH HOH A . 
N 5 HOH 1  2201 9504 HOH HOH B . 
N 5 HOH 2  2202 9532 HOH HOH B . 
N 5 HOH 3  2203 9106 HOH HOH B . 
N 5 HOH 4  2204 9107 HOH HOH B . 
N 5 HOH 5  2205 9501 HOH HOH B . 
N 5 HOH 6  2206 9508 HOH HOH B . 
N 5 HOH 7  2207 9509 HOH HOH B . 
N 5 HOH 8  2208 9511 HOH HOH B . 
N 5 HOH 9  2209 9515 HOH HOH B . 
N 5 HOH 10 2210 9516 HOH HOH B . 
N 5 HOH 11 2211 9518 HOH HOH B . 
N 5 HOH 12 2212 9521 HOH HOH B . 
N 5 HOH 13 2213 9523 HOH HOH B . 
N 5 HOH 14 2214 9526 HOH HOH B . 
N 5 HOH 15 2215 9529 HOH HOH B . 
N 5 HOH 16 2216 9534 HOH HOH B . 
N 5 HOH 17 2217 9538 HOH HOH B . 
N 5 HOH 18 2218 9543 HOH HOH B . 
N 5 HOH 19 2219 9546 HOH HOH B . 
N 5 HOH 20 2220 9548 HOH HOH B . 
N 5 HOH 21 2221 9549 HOH HOH B . 
N 5 HOH 22 2222 9561 HOH HOH B . 
N 5 HOH 23 2223 9563 HOH HOH B . 
N 5 HOH 24 2224 9565 HOH HOH B . 
N 5 HOH 25 2225 9573 HOH HOH B . 
N 5 HOH 26 2226 9583 HOH HOH B . 
N 5 HOH 27 2227 9588 HOH HOH B . 
N 5 HOH 28 2228 9590 HOH HOH B . 
# 
loop_
_software.name 
_software.classification 
_software.version 
_software.citation_id 
_software.pdbx_ordinal 
MOSFLM 'data reduction' .        ? 1 
PHASER phasing          .        ? 2 
REFMAC refinement       5.8.0073 ? 3 
SCALA  'data scaling'   .        ? 4 
# 
_cell.entry_id           4RKV 
_cell.length_a           36.645 
_cell.length_b           36.645 
_cell.length_c           37.078 
_cell.angle_alpha        90.00 
_cell.angle_beta         90.00 
_cell.angle_gamma        90.00 
_cell.Z_PDB              16 
_cell.pdbx_unique_axis   ? 
_cell.length_a_esd       ? 
_cell.length_b_esd       ? 
_cell.length_c_esd       ? 
_cell.angle_alpha_esd    ? 
_cell.angle_beta_esd     ? 
_cell.angle_gamma_esd    ? 
# 
_symmetry.entry_id                         4RKV 
_symmetry.space_group_name_H-M             'P 4 21 2' 
_symmetry.pdbx_full_space_group_name_H-M   ? 
_symmetry.cell_setting                     ? 
_symmetry.Int_Tables_number                90 
_symmetry.space_group_name_Hall            ? 
# 
_exptl.entry_id          4RKV 
_exptl.method            'X-RAY DIFFRACTION' 
_exptl.crystals_number   1 
# 
_exptl_crystal.id                    1 
_exptl_crystal.density_meas          ? 
_exptl_crystal.density_Matthews      1.60 
_exptl_crystal.density_percent_sol   23.00 
_exptl_crystal.description           ? 
_exptl_crystal.F_000                 ? 
_exptl_crystal.preparation           ? 
# 
_exptl_crystal_grow.crystal_id      1 
_exptl_crystal_grow.method          'VAPOR DIFFUSION, HANGING DROP' 
_exptl_crystal_grow.temp            298 
_exptl_crystal_grow.temp_details    ? 
_exptl_crystal_grow.pH              7.0 
_exptl_crystal_grow.pdbx_pH_range   ? 
_exptl_crystal_grow.pdbx_details    
;MgCl2 20mM, SrCl2 80mM, CaCl2 40mM, SPM 4Cl 12mM, Sodium cacodylate 20mM, 35% MPD, pH 7.0, VAPOR DIFFUSION, HANGING DROP, temperature 298K
;
# 
_diffrn.id                     1 
_diffrn.ambient_temp           100 
_diffrn.ambient_temp_details   ? 
_diffrn.crystal_id             1 
# 
_diffrn_detector.diffrn_id              1 
_diffrn_detector.detector               PIXEL 
_diffrn_detector.type                   'PSI PILATUS 6M' 
_diffrn_detector.pdbx_collection_date   ? 
_diffrn_detector.details                ? 
# 
_diffrn_radiation.diffrn_id                        1 
_diffrn_radiation.wavelength_id                    1 
_diffrn_radiation.pdbx_monochromatic_or_laue_m_l   M 
_diffrn_radiation.monochromator                    ? 
_diffrn_radiation.pdbx_diffrn_protocol             'SINGLE WAVELENGTH' 
_diffrn_radiation.pdbx_scattering_type             x-ray 
# 
_diffrn_radiation_wavelength.id           1 
_diffrn_radiation_wavelength.wavelength   0.979 
_diffrn_radiation_wavelength.wt           1.0 
# 
_diffrn_source.diffrn_id                   1 
_diffrn_source.source                      SYNCHROTRON 
_diffrn_source.type                        'SSRL BEAMLINE BL11-1' 
_diffrn_source.pdbx_synchrotron_site       SSRL 
_diffrn_source.pdbx_synchrotron_beamline   BL11-1 
_diffrn_source.pdbx_wavelength             ? 
_diffrn_source.pdbx_wavelength_list        0.979 
# 
_reflns.pdbx_diffrn_id               1 
_reflns.pdbx_ordinal                 1 
_reflns.entry_id                     4RKV 
_reflns.observed_criterion_sigma_I   0 
_reflns.observed_criterion_sigma_F   0 
_reflns.d_resolution_low             37.08 
_reflns.d_resolution_high            0.88 
_reflns.number_obs                   19031 
_reflns.number_all                   19031 
_reflns.percent_possible_obs         93.5 
_reflns.pdbx_Rmerge_I_obs            ? 
_reflns.pdbx_Rsym_value              ? 
_reflns.pdbx_netI_over_sigmaI        ? 
_reflns.B_iso_Wilson_estimate        ? 
_reflns.pdbx_redundancy              ? 
_reflns.R_free_details               ? 
_reflns.pdbx_chi_squared             ? 
_reflns.pdbx_scaling_rejects         ? 
# 
_reflns_shell.pdbx_diffrn_id         1 
_reflns_shell.pdbx_ordinal           1 
_reflns_shell.d_res_high             0.88 
_reflns_shell.d_res_low              0.93 
_reflns_shell.percent_possible_all   58.8 
_reflns_shell.Rmerge_I_obs           ? 
_reflns_shell.pdbx_Rsym_value        ? 
_reflns_shell.meanI_over_sigI_obs    ? 
_reflns_shell.pdbx_redundancy        ? 
_reflns_shell.percent_possible_obs   ? 
_reflns_shell.number_unique_all      ? 
_reflns_shell.number_measured_all    ? 
_reflns_shell.number_measured_obs    ? 
_reflns_shell.number_unique_obs      ? 
_reflns_shell.pdbx_chi_squared       ? 
# 
_refine.pdbx_refine_id                           'X-RAY DIFFRACTION' 
_refine.entry_id                                 4RKV 
_refine.pdbx_diffrn_id                           1 
_refine.pdbx_TLS_residual_ADP_flag               ? 
_refine.ls_number_reflns_obs                     18036 
_refine.ls_number_reflns_all                     ? 
_refine.pdbx_ls_sigma_I                          ? 
_refine.pdbx_ls_sigma_F                          . 
_refine.pdbx_data_cutoff_high_absF               ? 
_refine.pdbx_data_cutoff_low_absF                ? 
_refine.pdbx_data_cutoff_high_rms_absF           ? 
_refine.ls_d_res_low                             37.08 
_refine.ls_d_res_high                            0.88 
_refine.ls_percent_reflns_obs                    93.31 
_refine.ls_R_factor_obs                          0.09299 
_refine.ls_R_factor_all                          ? 
_refine.ls_R_factor_R_work                       0.09272 
_refine.ls_R_factor_R_free                       0.09811 
_refine.ls_R_factor_R_free_error                 ? 
_refine.ls_R_factor_R_free_error_details         ? 
_refine.ls_percent_reflns_R_free                 5.1 
_refine.ls_number_reflns_R_free                  975 
_refine.ls_number_parameters                     ? 
_refine.ls_number_restraints                     ? 
_refine.occupancy_min                            ? 
_refine.occupancy_max                            ? 
_refine.correlation_coeff_Fo_to_Fc               0.989 
_refine.correlation_coeff_Fo_to_Fc_free          0.989 
_refine.B_iso_mean                               12.663 
_refine.aniso_B[1][1]                            -0.01 
_refine.aniso_B[2][2]                            -0.01 
_refine.aniso_B[3][3]                            0.01 
_refine.aniso_B[1][2]                            0.00 
_refine.aniso_B[1][3]                            0.00 
_refine.aniso_B[2][3]                            -0.00 
_refine.solvent_model_details                    'BABINET MODEL WITH MASK' 
_refine.solvent_model_param_ksol                 ? 
_refine.solvent_model_param_bsol                 ? 
_refine.pdbx_solvent_vdw_probe_radii             1.20 
_refine.pdbx_solvent_ion_probe_radii             0.80 
_refine.pdbx_solvent_shrinkage_radii             0.80 
_refine.pdbx_ls_cross_valid_method               THROUGHOUT 
_refine.details                                  'HYDROGENS HAVE BEEN USED IF PRESENT IN THE INPUT' 
_refine.pdbx_starting_model                      ? 
_refine.pdbx_method_to_determine_struct          'MOLECULAR REPLACEMENT' 
_refine.pdbx_isotropic_thermal_model             ? 
_refine.pdbx_stereochemistry_target_values       'MAXIMUM LIKELIHOOD' 
_refine.pdbx_stereochem_target_val_spec_case     ? 
_refine.pdbx_R_Free_selection_details            RANDOM 
_refine.pdbx_overall_ESU_R                       0.013 
_refine.pdbx_overall_ESU_R_Free                  0.012 
_refine.overall_SU_ML                            0.009 
_refine.pdbx_overall_phase_error                 ? 
_refine.overall_SU_B                             0.331 
_refine.overall_SU_R_Cruickshank_DPI             ? 
_refine.pdbx_overall_SU_R_free_Cruickshank_DPI   ? 
_refine.pdbx_overall_SU_R_Blow_DPI               ? 
_refine.pdbx_overall_SU_R_free_Blow_DPI          ? 
_refine.ls_redundancy_reflns_obs                 ? 
_refine.overall_SU_R_free                        ? 
_refine.ls_wR_factor_R_free                      ? 
_refine.ls_wR_factor_R_work                      ? 
_refine.overall_FOM_free_R_set                   ? 
_refine.overall_FOM_work_R_set                   ? 
# 
_refine_hist.pdbx_refine_id                   'X-RAY DIFFRACTION' 
_refine_hist.cycle_id                         LAST 
_refine_hist.pdbx_number_atoms_protein        0 
_refine_hist.pdbx_number_atoms_nucleic_acid   258 
_refine_hist.pdbx_number_atoms_ligand         10 
_refine_hist.number_atoms_solvent             54 
_refine_hist.number_atoms_total               322 
_refine_hist.d_res_high                       0.88 
_refine_hist.d_res_low                        37.08 
# 
loop_
_refine_ls_restr.type 
_refine_ls_restr.dev_ideal 
_refine_ls_restr.dev_ideal_target 
_refine_ls_restr.weight 
_refine_ls_restr.number 
_refine_ls_restr.pdbx_refine_id 
_refine_ls_restr.pdbx_restraint_function 
r_bond_refined_d             0.013  0.011 ? 294 'X-RAY DIFFRACTION' ? 
r_bond_other_d               0.002  0.020 ? 116 'X-RAY DIFFRACTION' ? 
r_angle_refined_deg          1.744  1.248 ? 459 'X-RAY DIFFRACTION' ? 
r_angle_other_deg            1.882  3.000 ? 287 'X-RAY DIFFRACTION' ? 
r_dihedral_angle_1_deg       ?      ?     ? ?   'X-RAY DIFFRACTION' ? 
r_dihedral_angle_2_deg       ?      ?     ? ?   'X-RAY DIFFRACTION' ? 
r_dihedral_angle_3_deg       ?      ?     ? ?   'X-RAY DIFFRACTION' ? 
r_dihedral_angle_4_deg       ?      ?     ? ?   'X-RAY DIFFRACTION' ? 
r_chiral_restr               0.106  0.200 ? 49  'X-RAY DIFFRACTION' ? 
r_gen_planes_refined         0.052  0.020 ? 132 'X-RAY DIFFRACTION' ? 
r_gen_planes_other           0.002  0.020 ? 44  'X-RAY DIFFRACTION' ? 
r_nbd_refined                ?      ?     ? ?   'X-RAY DIFFRACTION' ? 
r_nbd_other                  ?      ?     ? ?   'X-RAY DIFFRACTION' ? 
r_nbtor_refined              ?      ?     ? ?   'X-RAY DIFFRACTION' ? 
r_nbtor_other                ?      ?     ? ?   'X-RAY DIFFRACTION' ? 
r_xyhbond_nbd_refined        ?      ?     ? ?   'X-RAY DIFFRACTION' ? 
r_xyhbond_nbd_other          ?      ?     ? ?   'X-RAY DIFFRACTION' ? 
r_metal_ion_refined          ?      ?     ? ?   'X-RAY DIFFRACTION' ? 
r_metal_ion_other            ?      ?     ? ?   'X-RAY DIFFRACTION' ? 
r_symmetry_vdw_refined       ?      ?     ? ?   'X-RAY DIFFRACTION' ? 
r_symmetry_vdw_other         ?      ?     ? ?   'X-RAY DIFFRACTION' ? 
r_symmetry_hbond_refined     ?      ?     ? ?   'X-RAY DIFFRACTION' ? 
r_symmetry_hbond_other       ?      ?     ? ?   'X-RAY DIFFRACTION' ? 
r_symmetry_metal_ion_refined ?      ?     ? ?   'X-RAY DIFFRACTION' ? 
r_symmetry_metal_ion_other   ?      ?     ? ?   'X-RAY DIFFRACTION' ? 
r_mcbond_it                  ?      ?     ? ?   'X-RAY DIFFRACTION' ? 
r_mcbond_other               ?      ?     ? ?   'X-RAY DIFFRACTION' ? 
r_mcangle_it                 ?      ?     ? ?   'X-RAY DIFFRACTION' ? 
r_mcangle_other              ?      ?     ? ?   'X-RAY DIFFRACTION' ? 
r_scbond_it                  1.079  .     ? 293 'X-RAY DIFFRACTION' ? 
r_scbond_other               1.073  ?     ? 292 'X-RAY DIFFRACTION' ? 
r_scangle_it                 ?      ?     ? ?   'X-RAY DIFFRACTION' ? 
r_scangle_other              1.496  ?     ? 459 'X-RAY DIFFRACTION' ? 
r_long_range_B_refined       1.939  ?     ? 533 'X-RAY DIFFRACTION' ? 
r_long_range_B_other         1.713  ?     ? 500 'X-RAY DIFFRACTION' ? 
r_rigid_bond_restr           5.433  3.000 ? 284 'X-RAY DIFFRACTION' ? 
r_sphericity_free            22.921 6.800 ? 22  'X-RAY DIFFRACTION' ? 
r_sphericity_bonded          9.673  6.800 ? 307 'X-RAY DIFFRACTION' ? 
# 
_refine_ls_shell.pdbx_refine_id                   'X-RAY DIFFRACTION' 
_refine_ls_shell.pdbx_total_number_of_bins_used   20 
_refine_ls_shell.d_res_high                       0.88 
_refine_ls_shell.d_res_low                        0.907 
_refine_ls_shell.number_reflns_R_work             529 
_refine_ls_shell.R_factor_R_work                  0.441 
_refine_ls_shell.percent_reflns_obs               37.77 
_refine_ls_shell.R_factor_R_free                  0.440 
_refine_ls_shell.R_factor_R_free_error            ? 
_refine_ls_shell.percent_reflns_R_free            ? 
_refine_ls_shell.number_reflns_R_free             22 
_refine_ls_shell.number_reflns_all                ? 
_refine_ls_shell.R_factor_all                     ? 
_refine_ls_shell.redundancy_reflns_obs            ? 
_refine_ls_shell.number_reflns_obs                ? 
# 
_struct.entry_id                  4RKV 
_struct.title                     'Structural variations and solvent structure of UGGGGU quadruplexes stabilized by Sr2+ ions' 
_struct.pdbx_model_details        ? 
_struct.pdbx_CASP_flag            ? 
_struct.pdbx_model_type_details   ? 
# 
_struct_keywords.entry_id        4RKV 
_struct_keywords.pdbx_keywords   RNA 
_struct_keywords.text            'RNA quadruplexes, parallel-stranded, RNA' 
# 
loop_
_struct_asym.id 
_struct_asym.pdbx_blank_PDB_chainid_flag 
_struct_asym.pdbx_modified 
_struct_asym.entity_id 
_struct_asym.details 
A N N 1 ? 
B N N 1 ? 
C N N 2 ? 
D N N 2 ? 
E N N 3 ? 
F N N 2 ? 
G N N 2 ? 
H N N 2 ? 
I N N 2 ? 
J N N 3 ? 
K N N 4 ? 
L N N 4 ? 
M N N 5 ? 
N N N 5 ? 
# 
_struct_ref.id                         1 
_struct_ref.db_name                    PDB 
_struct_ref.db_code                    4RKV 
_struct_ref.pdbx_db_accession          4RKV 
_struct_ref.entity_id                  1 
_struct_ref.pdbx_align_begin           ? 
_struct_ref.pdbx_seq_one_letter_code   UGGGGU 
_struct_ref.pdbx_db_isoform            ? 
# 
loop_
_struct_ref_seq.align_id 
_struct_ref_seq.ref_id 
_struct_ref_seq.pdbx_PDB_id_code 
_struct_ref_seq.pdbx_strand_id 
_struct_ref_seq.seq_align_beg 
_struct_ref_seq.pdbx_seq_align_beg_ins_code 
_struct_ref_seq.seq_align_end 
_struct_ref_seq.pdbx_seq_align_end_ins_code 
_struct_ref_seq.pdbx_db_accession 
_struct_ref_seq.db_align_beg 
_struct_ref_seq.pdbx_db_align_beg_ins_code 
_struct_ref_seq.db_align_end 
_struct_ref_seq.pdbx_db_align_end_ins_code 
_struct_ref_seq.pdbx_auth_seq_align_beg 
_struct_ref_seq.pdbx_auth_seq_align_end 
1 1 4RKV A 1 ? 6 ? 4RKV 1001 ? 1006 ? 1001 1006 
2 1 4RKV B 1 ? 6 ? 4RKV 2001 ? 2006 ? 2001 2006 
# 
_pdbx_struct_assembly.id                   1 
_pdbx_struct_assembly.details              author_and_software_defined_assembly 
_pdbx_struct_assembly.method_details       PISA 
_pdbx_struct_assembly.oligomeric_details   octameric 
_pdbx_struct_assembly.oligomeric_count     8 
# 
loop_
_pdbx_struct_assembly_prop.biol_id 
_pdbx_struct_assembly_prop.type 
_pdbx_struct_assembly_prop.value 
_pdbx_struct_assembly_prop.details 
1 'ABSA (A^2)' 8250 ? 
1 MORE         -85  ? 
1 'SSA (A^2)'  4400 ? 
# 
_pdbx_struct_assembly_gen.assembly_id       1 
_pdbx_struct_assembly_gen.oper_expression   1,2,3,4 
_pdbx_struct_assembly_gen.asym_id_list      A,B,C,D,E,F,G,H,I,J,K,L,M,N 
# 
loop_
_pdbx_struct_oper_list.id 
_pdbx_struct_oper_list.type 
_pdbx_struct_oper_list.name 
_pdbx_struct_oper_list.symmetry_operation 
_pdbx_struct_oper_list.matrix[1][1] 
_pdbx_struct_oper_list.matrix[1][2] 
_pdbx_struct_oper_list.matrix[1][3] 
_pdbx_struct_oper_list.vector[1] 
_pdbx_struct_oper_list.matrix[2][1] 
_pdbx_struct_oper_list.matrix[2][2] 
_pdbx_struct_oper_list.matrix[2][3] 
_pdbx_struct_oper_list.vector[2] 
_pdbx_struct_oper_list.matrix[3][1] 
_pdbx_struct_oper_list.matrix[3][2] 
_pdbx_struct_oper_list.matrix[3][3] 
_pdbx_struct_oper_list.vector[3] 
1 'identity operation'         1_555 x,y,z          1.0000000000 0.0000000000  0.0000000000  0.0000000000  0.0000000000  1.0000000000  0.0000000000  0.0000000000  0.0000000000  0.0000000000  1.0000000000  0.0000000000  
2 'crystal symmetry operation' 2_655 -x+1,-y,z      0.0294027730 -0.9528132492 0.3021297553  1.0139332490  -0.9528132492 -0.1180778683 -0.2796507270 4.7347232633  0.3021297553  -0.2796507270 -0.9113249047 11.4770600984 
3 'crystal symmetry operation' 3_545 -y+1/2,x-1/2,z 0.5147013865 -0.6869714547 -0.5129841159 4.8161148278  -0.2658417946 0.4409610658  -0.8572522841 6.3775882329  0.8151138712  0.5776015572  0.0443375477  3.7034704070  
4 'crystal symmetry operation' 4_555 y+1/2,-x+1/2,z 0.5147013865 -0.2658417946 0.8151138712  -3.8021815788 -0.6869714547 0.4409610658  0.5776015572  -1.6428649696 -0.5129841159 -0.8572522841 0.0443375477  7.7735896915 
# 
_struct_biol.id        1 
_struct_biol.details   ? 
# 
loop_
_struct_conn.id 
_struct_conn.conn_type_id 
_struct_conn.pdbx_leaving_atom_flag 
_struct_conn.pdbx_PDB_id 
_struct_conn.ptnr1_label_asym_id 
_struct_conn.ptnr1_label_comp_id 
_struct_conn.ptnr1_label_seq_id 
_struct_conn.ptnr1_label_atom_id 
_struct_conn.pdbx_ptnr1_label_alt_id 
_struct_conn.pdbx_ptnr1_PDB_ins_code 
_struct_conn.pdbx_ptnr1_standard_comp_id 
_struct_conn.ptnr1_symmetry 
_struct_conn.ptnr2_label_asym_id 
_struct_conn.ptnr2_label_comp_id 
_struct_conn.ptnr2_label_seq_id 
_struct_conn.ptnr2_label_atom_id 
_struct_conn.pdbx_ptnr2_label_alt_id 
_struct_conn.pdbx_ptnr2_PDB_ins_code 
_struct_conn.ptnr1_auth_asym_id 
_struct_conn.ptnr1_auth_comp_id 
_struct_conn.ptnr1_auth_seq_id 
_struct_conn.ptnr2_auth_asym_id 
_struct_conn.ptnr2_auth_comp_id 
_struct_conn.ptnr2_auth_seq_id 
_struct_conn.ptnr2_symmetry 
_struct_conn.pdbx_ptnr3_label_atom_id 
_struct_conn.pdbx_ptnr3_label_seq_id 
_struct_conn.pdbx_ptnr3_label_comp_id 
_struct_conn.pdbx_ptnr3_label_asym_id 
_struct_conn.pdbx_ptnr3_label_alt_id 
_struct_conn.pdbx_ptnr3_PDB_ins_code 
_struct_conn.details 
_struct_conn.pdbx_dist_value 
_struct_conn.pdbx_value_order 
_struct_conn.pdbx_role 
metalc1  metalc ? ? A G  2 O6    ? ? ? 1_555 D SR  . SR ? ? A G  1002 A SR  9002 1_555 ? ? ? ? ? ? ?             2.610 ? ? 
metalc2  metalc ? ? A G  3 O6    ? ? ? 1_555 D SR  . SR ? ? A G  1003 A SR  9002 1_555 ? ? ? ? ? ? ?             2.620 ? ? 
metalc3  metalc ? ? A G  4 O6    ? ? ? 1_555 C SR  . SR ? ? A G  1004 A SR  9001 1_555 ? ? ? ? ? ? ?             2.605 ? ? 
metalc4  metalc ? ? A G  5 O6    ? ? ? 1_555 C SR  . SR ? ? A G  1005 A SR  9001 1_555 ? ? ? ? ? ? ?             2.625 ? ? 
metalc5  metalc ? ? A G  5 OP1   ? ? ? 1_555 G SR  . SR A ? A G  1005 A SR  9005 1_555 ? ? ? ? ? ? ?             2.637 ? ? 
metalc6  metalc ? ? A U  6 O4    ? ? ? 1_555 E NA  . NA B ? A U  1006 A NA  9003 1_555 ? ? ? ? ? ? ?             2.313 ? ? 
metalc7  metalc ? ? A U  6 "O3'" ? ? ? 1_555 F SR  . SR ? ? A U  1006 A SR  9004 1_555 ? ? ? ? ? ? ?             2.457 ? ? 
metalc8  metalc ? ? A U  6 "O2'" ? ? ? 1_555 F SR  . SR ? ? A U  1006 A SR  9004 1_555 ? ? ? ? ? ? ?             2.790 ? ? 
metalc9  metalc ? ? F SR . SR    ? ? ? 1_555 M HOH . O  ? ? A SR 9004 A HOH 9103 1_555 ? ? ? ? ? ? ?             2.627 ? ? 
metalc10 metalc ? ? F SR . SR    ? ? ? 1_555 M HOH . O  ? ? A SR 9004 A HOH 9108 1_555 ? ? ? ? ? ? ?             2.684 ? ? 
metalc11 metalc ? ? F SR . SR    ? ? ? 1_555 M HOH . O  ? ? A SR 9004 A HOH 9110 1_555 ? ? ? ? ? ? ?             2.448 ? ? 
metalc12 metalc ? ? F SR . SR    ? ? ? 1_555 M HOH . O  ? ? A SR 9004 A HOH 9111 1_555 ? ? ? ? ? ? ?             2.458 ? ? 
metalc13 metalc ? ? F SR . SR    ? ? ? 1_555 M HOH . O  ? ? A SR 9004 A HOH 9124 1_555 ? ? ? ? ? ? ?             2.442 ? ? 
metalc14 metalc ? ? G SR . SR    A ? ? 1_555 M HOH . O  ? ? A SR 9005 A HOH 9115 1_555 ? ? ? ? ? ? ?             2.695 ? ? 
metalc15 metalc ? ? G SR . SR    A ? ? 1_555 M HOH . O  ? ? A SR 9005 A HOH 9116 1_555 ? ? ? ? ? ? ?             2.627 ? ? 
metalc16 metalc ? ? B G  2 O6    ? ? ? 1_555 H SR  . SR ? ? B G  2002 B SR  2101 1_555 ? ? ? ? ? ? ?             2.596 ? ? 
metalc17 metalc ? ? B G  2 "O3'" ? ? ? 1_555 K CA  . CA A ? B G  2002 B CA  2104 1_555 ? ? ? ? ? ? ?             3.110 ? ? 
metalc18 metalc ? ? B G  2 OP2   ? ? ? 1_555 L CA  . CA A ? B G  2002 B CA  2105 1_555 ? ? ? ? ? ? ?             2.443 ? ? 
metalc19 metalc ? ? B G  3 O6    ? ? ? 1_555 H SR  . SR ? ? B G  2003 B SR  2101 1_555 ? ? ? ? ? ? ?             2.610 ? ? 
metalc20 metalc ? ? B G  3 OP1   ? ? ? 1_555 K CA  . CA A ? B G  2003 B CA  2104 1_555 ? ? ? ? ? ? ?             2.512 ? ? 
metalc21 metalc ? ? B G  4 O6    ? ? ? 1_555 I SR  . SR ? ? B G  2004 B SR  2102 1_555 ? ? ? ? ? ? ?             2.598 ? ? 
metalc22 metalc ? ? B G  5 O6    ? ? ? 1_555 I SR  . SR ? ? B G  2005 B SR  2102 1_555 ? ? ? ? ? ? ?             2.611 ? ? 
metalc23 metalc ? ? B U  6 O4    ? ? ? 1_555 J NA  . NA B ? B U  2006 B NA  2103 1_555 ? ? ? ? ? ? ?             2.347 ? ? 
metalc24 metalc ? ? J NA . NA    A ? ? 1_555 N HOH . O  ? ? B NA 2103 B HOH 2225 1_555 ? ? ? ? ? ? ?             3.199 ? ? 
metalc25 metalc ? ? K CA . CA    A ? ? 1_555 N HOH . O  ? ? B CA 2104 B HOH 2210 1_555 ? ? ? ? ? ? ?             2.441 ? ? 
metalc26 metalc ? ? K CA . CA    A ? ? 1_555 N HOH . O  ? ? B CA 2104 B HOH 2215 1_555 ? ? ? ? ? ? ?             2.662 ? ? 
metalc27 metalc ? ? L CA . CA    A ? ? 1_555 N HOH . O  A ? B CA 2105 B HOH 2207 1_555 ? ? ? ? ? ? ?             2.291 ? ? 
metalc28 metalc ? ? L CA . CA    A ? ? 1_555 N HOH . O  ? ? B CA 2105 B HOH 2214 1_555 ? ? ? ? ? ? ?             2.306 ? ? 
metalc29 metalc ? ? L CA . CA    A ? ? 1_555 N HOH . O  A ? B CA 2105 B HOH 2224 1_555 ? ? ? ? ? ? ?             2.450 ? ? 
hydrog1  hydrog ? ? A G  3 N2    ? ? ? 1_555 B U   1 O2 ? ? A G  1003 B U   2001 1_555 ? ? ? ? ? ? 'G-U MISPAIR' ?     ? ? 
# 
loop_
_struct_conn_type.id 
_struct_conn_type.criteria 
_struct_conn_type.reference 
metalc ? ? 
hydrog ? ? 
# 
loop_
_pdbx_struct_conn_angle.id 
_pdbx_struct_conn_angle.ptnr1_label_atom_id 
_pdbx_struct_conn_angle.ptnr1_label_alt_id 
_pdbx_struct_conn_angle.ptnr1_label_asym_id 
_pdbx_struct_conn_angle.ptnr1_label_comp_id 
_pdbx_struct_conn_angle.ptnr1_label_seq_id 
_pdbx_struct_conn_angle.ptnr1_auth_atom_id 
_pdbx_struct_conn_angle.ptnr1_auth_asym_id 
_pdbx_struct_conn_angle.ptnr1_auth_comp_id 
_pdbx_struct_conn_angle.ptnr1_auth_seq_id 
_pdbx_struct_conn_angle.ptnr1_PDB_ins_code 
_pdbx_struct_conn_angle.ptnr1_symmetry 
_pdbx_struct_conn_angle.ptnr2_label_atom_id 
_pdbx_struct_conn_angle.ptnr2_label_alt_id 
_pdbx_struct_conn_angle.ptnr2_label_asym_id 
_pdbx_struct_conn_angle.ptnr2_label_comp_id 
_pdbx_struct_conn_angle.ptnr2_label_seq_id 
_pdbx_struct_conn_angle.ptnr2_auth_atom_id 
_pdbx_struct_conn_angle.ptnr2_auth_asym_id 
_pdbx_struct_conn_angle.ptnr2_auth_comp_id 
_pdbx_struct_conn_angle.ptnr2_auth_seq_id 
_pdbx_struct_conn_angle.ptnr2_PDB_ins_code 
_pdbx_struct_conn_angle.ptnr2_symmetry 
_pdbx_struct_conn_angle.ptnr3_label_atom_id 
_pdbx_struct_conn_angle.ptnr3_label_alt_id 
_pdbx_struct_conn_angle.ptnr3_label_asym_id 
_pdbx_struct_conn_angle.ptnr3_label_comp_id 
_pdbx_struct_conn_angle.ptnr3_label_seq_id 
_pdbx_struct_conn_angle.ptnr3_auth_atom_id 
_pdbx_struct_conn_angle.ptnr3_auth_asym_id 
_pdbx_struct_conn_angle.ptnr3_auth_comp_id 
_pdbx_struct_conn_angle.ptnr3_auth_seq_id 
_pdbx_struct_conn_angle.ptnr3_PDB_ins_code 
_pdbx_struct_conn_angle.ptnr3_symmetry 
_pdbx_struct_conn_angle.value 
_pdbx_struct_conn_angle.value_esd 
1  O6    ? A G   2 ? A G   1002 ? 1_555 SR ? D SR . ? A SR 9002 ? 1_555 O6    ? A G   3 ? A G   1003 ? 1_555 68.8  ? 
2  O6    ? A G   4 ? A G   1004 ? 1_555 SR ? C SR . ? A SR 9001 ? 1_555 O6    ? A G   5 ? A G   1005 ? 1_555 68.2  ? 
3  OP1   ? A G   5 ? A G   1005 ? 1_555 SR A G SR . ? A SR 9005 ? 1_555 O     ? M HOH . ? A HOH 9115 ? 1_555 70.7  ? 
4  OP1   ? A G   5 ? A G   1005 ? 1_555 SR A G SR . ? A SR 9005 ? 1_555 O     ? M HOH . ? A HOH 9116 ? 1_555 68.0  ? 
5  O     ? M HOH . ? A HOH 9115 ? 1_555 SR A G SR . ? A SR 9005 ? 1_555 O     ? M HOH . ? A HOH 9116 ? 1_555 127.9 ? 
6  "O3'" ? A U   6 ? A U   1006 ? 1_555 SR ? F SR . ? A SR 9004 ? 1_555 "O2'" ? A U   6 ? A U   1006 ? 1_555 60.8  ? 
7  "O3'" ? A U   6 ? A U   1006 ? 1_555 SR ? F SR . ? A SR 9004 ? 1_555 O     ? M HOH . ? A HOH 9103 ? 1_555 97.5  ? 
8  "O2'" ? A U   6 ? A U   1006 ? 1_555 SR ? F SR . ? A SR 9004 ? 1_555 O     ? M HOH . ? A HOH 9103 ? 1_555 80.4  ? 
9  "O3'" ? A U   6 ? A U   1006 ? 1_555 SR ? F SR . ? A SR 9004 ? 1_555 O     ? M HOH . ? A HOH 9108 ? 1_555 131.2 ? 
10 "O2'" ? A U   6 ? A U   1006 ? 1_555 SR ? F SR . ? A SR 9004 ? 1_555 O     ? M HOH . ? A HOH 9108 ? 1_555 70.4  ? 
11 O     ? M HOH . ? A HOH 9103 ? 1_555 SR ? F SR . ? A SR 9004 ? 1_555 O     ? M HOH . ? A HOH 9108 ? 1_555 73.0  ? 
12 "O3'" ? A U   6 ? A U   1006 ? 1_555 SR ? F SR . ? A SR 9004 ? 1_555 O     ? M HOH . ? A HOH 9110 ? 1_555 101.2 ? 
13 "O2'" ? A U   6 ? A U   1006 ? 1_555 SR ? F SR . ? A SR 9004 ? 1_555 O     ? M HOH . ? A HOH 9110 ? 1_555 79.7  ? 
14 O     ? M HOH . ? A HOH 9103 ? 1_555 SR ? F SR . ? A SR 9004 ? 1_555 O     ? M HOH . ? A HOH 9110 ? 1_555 141.2 ? 
15 O     ? M HOH . ? A HOH 9108 ? 1_555 SR ? F SR . ? A SR 9004 ? 1_555 O     ? M HOH . ? A HOH 9110 ? 1_555 69.1  ? 
16 "O3'" ? A U   6 ? A U   1006 ? 1_555 SR ? F SR . ? A SR 9004 ? 1_555 O     ? M HOH . ? A HOH 9111 ? 1_555 74.6  ? 
17 "O2'" ? A U   6 ? A U   1006 ? 1_555 SR ? F SR . ? A SR 9004 ? 1_555 O     ? M HOH . ? A HOH 9111 ? 1_555 121.2 ? 
18 O     ? M HOH . ? A HOH 9103 ? 1_555 SR ? F SR . ? A SR 9004 ? 1_555 O     ? M HOH . ? A HOH 9111 ? 1_555 69.1  ? 
19 O     ? M HOH . ? A HOH 9108 ? 1_555 SR ? F SR . ? A SR 9004 ? 1_555 O     ? M HOH . ? A HOH 9111 ? 1_555 136.7 ? 
20 O     ? M HOH . ? A HOH 9110 ? 1_555 SR ? F SR . ? A SR 9004 ? 1_555 O     ? M HOH . ? A HOH 9111 ? 1_555 148.9 ? 
21 "O3'" ? A U   6 ? A U   1006 ? 1_555 SR ? F SR . ? A SR 9004 ? 1_555 O     ? M HOH . ? A HOH 9124 ? 1_555 152.1 ? 
22 "O2'" ? A U   6 ? A U   1006 ? 1_555 SR ? F SR . ? A SR 9004 ? 1_555 O     ? M HOH . ? A HOH 9124 ? 1_555 145.9 ? 
23 O     ? M HOH . ? A HOH 9103 ? 1_555 SR ? F SR . ? A SR 9004 ? 1_555 O     ? M HOH . ? A HOH 9124 ? 1_555 84.2  ? 
24 O     ? M HOH . ? A HOH 9108 ? 1_555 SR ? F SR . ? A SR 9004 ? 1_555 O     ? M HOH . ? A HOH 9124 ? 1_555 76.0  ? 
25 O     ? M HOH . ? A HOH 9110 ? 1_555 SR ? F SR . ? A SR 9004 ? 1_555 O     ? M HOH . ? A HOH 9124 ? 1_555 94.2  ? 
26 O     ? M HOH . ? A HOH 9111 ? 1_555 SR ? F SR . ? A SR 9004 ? 1_555 O     ? M HOH . ? A HOH 9124 ? 1_555 80.2  ? 
27 O6    ? B G   2 ? B G   2002 ? 1_555 SR ? H SR . ? B SR 2101 ? 1_555 O6    ? B G   3 ? B G   2003 ? 1_555 69.3  ? 
28 "O3'" ? B G   2 ? B G   2002 ? 1_555 CA A K CA . ? B CA 2104 ? 1_555 OP1   ? B G   3 ? B G   2003 ? 1_555 49.7  ? 
29 "O3'" ? B G   2 ? B G   2002 ? 1_555 CA A K CA . ? B CA 2104 ? 1_555 O     ? N HOH . ? B HOH 2210 ? 1_555 64.6  ? 
30 OP1   ? B G   3 ? B G   2003 ? 1_555 CA A K CA . ? B CA 2104 ? 1_555 O     ? N HOH . ? B HOH 2210 ? 1_555 102.9 ? 
31 "O3'" ? B G   2 ? B G   2002 ? 1_555 CA A K CA . ? B CA 2104 ? 1_555 O     ? N HOH . ? B HOH 2215 ? 1_555 143.3 ? 
32 OP1   ? B G   3 ? B G   2003 ? 1_555 CA A K CA . ? B CA 2104 ? 1_555 O     ? N HOH . ? B HOH 2215 ? 1_555 166.9 ? 
33 O     ? N HOH . ? B HOH 2210 ? 1_555 CA A K CA . ? B CA 2104 ? 1_555 O     ? N HOH . ? B HOH 2215 ? 1_555 88.2  ? 
34 OP2   ? B G   2 ? B G   2002 ? 1_555 CA A L CA . ? B CA 2105 ? 1_555 O     A N HOH . ? B HOH 2207 ? 1_555 88.7  ? 
35 OP2   ? B G   2 ? B G   2002 ? 1_555 CA A L CA . ? B CA 2105 ? 1_555 O     ? N HOH . ? B HOH 2214 ? 1_555 165.1 ? 
36 O     A N HOH . ? B HOH 2207 ? 1_555 CA A L CA . ? B CA 2105 ? 1_555 O     ? N HOH . ? B HOH 2214 ? 1_555 98.5  ? 
37 OP2   ? B G   2 ? B G   2002 ? 1_555 CA A L CA . ? B CA 2105 ? 1_555 O     A N HOH . ? B HOH 2224 ? 1_555 88.6  ? 
38 O     A N HOH . ? B HOH 2207 ? 1_555 CA A L CA . ? B CA 2105 ? 1_555 O     A N HOH . ? B HOH 2224 ? 1_555 172.8 ? 
39 O     ? N HOH . ? B HOH 2214 ? 1_555 CA A L CA . ? B CA 2105 ? 1_555 O     A N HOH . ? B HOH 2224 ? 1_555 85.7  ? 
40 O6    ? B G   4 ? B G   2004 ? 1_555 SR ? I SR . ? B SR 2102 ? 1_555 O6    ? B G   5 ? B G   2005 ? 1_555 69.4  ? 
# 
loop_
_struct_site.id 
_struct_site.pdbx_evidence_code 
_struct_site.pdbx_auth_asym_id 
_struct_site.pdbx_auth_comp_id 
_struct_site.pdbx_auth_seq_id 
_struct_site.pdbx_auth_ins_code 
_struct_site.pdbx_num_residues 
_struct_site.details 
AC1 Software A SR 9001 ? 8 'BINDING SITE FOR RESIDUE SR A 9001' 
AC2 Software A SR 9002 ? 8 'BINDING SITE FOR RESIDUE SR A 9002' 
AC3 Software A NA 9003 ? 8 'BINDING SITE FOR RESIDUE NA A 9003' 
AC4 Software A SR 9004 ? 7 'BINDING SITE FOR RESIDUE SR A 9004' 
AC5 Software A SR 9005 ? 9 'BINDING SITE FOR RESIDUE SR A 9005' 
AC6 Software B SR 2101 ? 8 'BINDING SITE FOR RESIDUE SR B 2101' 
AC7 Software B SR 2102 ? 8 'BINDING SITE FOR RESIDUE SR B 2102' 
AC8 Software B NA 2103 ? 8 'BINDING SITE FOR RESIDUE NA B 2103' 
AC9 Software B CA 2104 ? 8 'BINDING SITE FOR RESIDUE CA B 2104' 
BC1 Software B CA 2105 ? 7 'BINDING SITE FOR RESIDUE CA B 2105' 
# 
loop_
_struct_site_gen.id 
_struct_site_gen.site_id 
_struct_site_gen.pdbx_num_res 
_struct_site_gen.label_comp_id 
_struct_site_gen.label_asym_id 
_struct_site_gen.label_seq_id 
_struct_site_gen.pdbx_auth_ins_code 
_struct_site_gen.auth_comp_id 
_struct_site_gen.auth_asym_id 
_struct_site_gen.auth_seq_id 
_struct_site_gen.label_atom_id 
_struct_site_gen.label_alt_id 
_struct_site_gen.symmetry 
_struct_site_gen.details 
1  AC1 8 G   A 4 ? G   A 1004 . ? 2_655 ? 
2  AC1 8 G   A 4 ? G   A 1004 . ? 4_555 ? 
3  AC1 8 G   A 4 ? G   A 1004 . ? 1_555 ? 
4  AC1 8 G   A 4 ? G   A 1004 . ? 3_545 ? 
5  AC1 8 G   A 5 ? G   A 1005 . ? 3_545 ? 
6  AC1 8 G   A 5 ? G   A 1005 . ? 1_555 ? 
7  AC1 8 G   A 5 ? G   A 1005 . ? 4_555 ? 
8  AC1 8 G   A 5 ? G   A 1005 . ? 2_655 ? 
9  AC2 8 G   A 2 ? G   A 1002 . ? 2_655 ? 
10 AC2 8 G   A 2 ? G   A 1002 . ? 4_555 ? 
11 AC2 8 G   A 2 ? G   A 1002 . ? 1_555 ? 
12 AC2 8 G   A 2 ? G   A 1002 . ? 3_545 ? 
13 AC2 8 G   A 3 ? G   A 1003 . ? 1_555 ? 
14 AC2 8 G   A 3 ? G   A 1003 . ? 3_545 ? 
15 AC2 8 G   A 3 ? G   A 1003 . ? 4_555 ? 
16 AC2 8 G   A 3 ? G   A 1003 . ? 2_655 ? 
17 AC3 8 U   A 6 ? U   A 1006 . ? 2_654 ? 
18 AC3 8 U   A 6 ? U   A 1006 . ? 3_544 ? 
19 AC3 8 U   A 6 ? U   A 1006 . ? 1_554 ? 
20 AC3 8 U   A 6 ? U   A 1006 . ? 4_554 ? 
21 AC3 8 U   A 6 ? U   A 1006 . ? 2_655 ? 
22 AC3 8 U   A 6 ? U   A 1006 . ? 3_545 ? 
23 AC3 8 U   A 6 ? U   A 1006 . ? 1_555 ? 
24 AC3 8 U   A 6 ? U   A 1006 . ? 4_555 ? 
25 AC4 7 U   A 6 ? U   A 1006 . ? 1_555 ? 
26 AC4 7 HOH M . ? HOH A 9102 . ? 8_667 ? 
27 AC4 7 HOH M . ? HOH A 9103 . ? 1_555 ? 
28 AC4 7 HOH M . ? HOH A 9108 . ? 1_555 ? 
29 AC4 7 HOH M . ? HOH A 9110 . ? 1_555 ? 
30 AC4 7 HOH M . ? HOH A 9111 . ? 1_555 ? 
31 AC4 7 HOH M . ? HOH A 9124 . ? 1_555 ? 
32 AC5 9 G   A 4 ? G   A 1004 . ? 8_667 ? 
33 AC5 9 G   A 5 ? G   A 1005 . ? 1_555 ? 
34 AC5 9 G   A 5 ? G   A 1005 . ? 8_667 ? 
35 AC5 9 U   A 6 ? U   A 1006 . ? 1_555 ? 
36 AC5 9 HOH M . ? HOH A 9115 . ? 1_555 ? 
37 AC5 9 HOH M . ? HOH A 9116 . ? 8_667 ? 
38 AC5 9 HOH M . ? HOH A 9116 . ? 1_555 ? 
39 AC5 9 HOH N . ? HOH B 2201 . ? 8_667 ? 
40 AC5 9 HOH N . ? HOH B 2202 . ? 8_667 ? 
41 AC6 8 G   B 2 ? G   B 2002 . ? 2_655 ? 
42 AC6 8 G   B 2 ? G   B 2002 . ? 1_555 ? 
43 AC6 8 G   B 2 ? G   B 2002 . ? 3_545 ? 
44 AC6 8 G   B 2 ? G   B 2002 . ? 4_555 ? 
45 AC6 8 G   B 3 ? G   B 2003 . ? 3_545 ? 
46 AC6 8 G   B 3 ? G   B 2003 . ? 1_555 ? 
47 AC6 8 G   B 3 ? G   B 2003 . ? 4_555 ? 
48 AC6 8 G   B 3 ? G   B 2003 . ? 2_655 ? 
49 AC7 8 G   B 4 ? G   B 2004 . ? 4_555 ? 
50 AC7 8 G   B 4 ? G   B 2004 . ? 1_555 ? 
51 AC7 8 G   B 4 ? G   B 2004 . ? 3_545 ? 
52 AC7 8 G   B 4 ? G   B 2004 . ? 2_655 ? 
53 AC7 8 G   B 5 ? G   B 2005 . ? 3_545 ? 
54 AC7 8 G   B 5 ? G   B 2005 . ? 2_655 ? 
55 AC7 8 G   B 5 ? G   B 2005 . ? 4_555 ? 
56 AC7 8 G   B 5 ? G   B 2005 . ? 1_555 ? 
57 AC8 8 G   B 5 ? G   B 2005 . ? 1_555 ? 
58 AC8 8 G   B 5 ? G   B 2005 . ? 3_545 ? 
59 AC8 8 G   B 5 ? G   B 2005 . ? 2_655 ? 
60 AC8 8 G   B 5 ? G   B 2005 . ? 4_555 ? 
61 AC8 8 U   B 6 ? U   B 2006 . ? 3_545 ? 
62 AC8 8 U   B 6 ? U   B 2006 . ? 2_655 ? 
63 AC8 8 U   B 6 ? U   B 2006 . ? 1_555 ? 
64 AC8 8 U   B 6 ? U   B 2006 . ? 4_555 ? 
65 AC9 8 G   B 2 ? G   B 2002 . ? 1_555 ? 
66 AC9 8 G   B 3 ? G   B 2003 . ? 1_555 ? 
67 AC9 8 G   B 3 ? G   B 2003 . ? 8_666 ? 
68 AC9 8 HOH N . ? HOH B 2203 . ? 1_555 ? 
69 AC9 8 HOH N . ? HOH B 2205 . ? 8_666 ? 
70 AC9 8 HOH N . ? HOH B 2210 . ? 1_555 ? 
71 AC9 8 HOH N . ? HOH B 2215 . ? 1_555 ? 
72 AC9 8 HOH N . ? HOH B 2222 . ? 8_666 ? 
73 BC1 7 G   A 2 ? G   A 1002 . ? 3_545 ? 
74 BC1 7 G   B 2 ? G   B 2002 . ? 1_555 ? 
75 BC1 7 G   B 4 ? G   B 2004 . ? 5_656 ? 
76 BC1 7 G   B 5 ? G   B 2005 . ? 5_656 ? 
77 BC1 7 HOH N . ? HOH B 2207 . ? 1_555 ? 
78 BC1 7 HOH N . ? HOH B 2214 . ? 1_555 ? 
79 BC1 7 HOH N . ? HOH B 2224 . ? 1_555 ? 
# 
_pdbx_validate_rmsd_angle.id                         1 
_pdbx_validate_rmsd_angle.PDB_model_num              1 
_pdbx_validate_rmsd_angle.auth_atom_id_1             "O5'" 
_pdbx_validate_rmsd_angle.auth_asym_id_1             B 
_pdbx_validate_rmsd_angle.auth_comp_id_1             U 
_pdbx_validate_rmsd_angle.auth_seq_id_1              2006 
_pdbx_validate_rmsd_angle.PDB_ins_code_1             ? 
_pdbx_validate_rmsd_angle.label_alt_id_1             ? 
_pdbx_validate_rmsd_angle.auth_atom_id_2             "C5'" 
_pdbx_validate_rmsd_angle.auth_asym_id_2             B 
_pdbx_validate_rmsd_angle.auth_comp_id_2             U 
_pdbx_validate_rmsd_angle.auth_seq_id_2              2006 
_pdbx_validate_rmsd_angle.PDB_ins_code_2             ? 
_pdbx_validate_rmsd_angle.label_alt_id_2             ? 
_pdbx_validate_rmsd_angle.auth_atom_id_3             "C4'" 
_pdbx_validate_rmsd_angle.auth_asym_id_3             B 
_pdbx_validate_rmsd_angle.auth_comp_id_3             U 
_pdbx_validate_rmsd_angle.auth_seq_id_3              2006 
_pdbx_validate_rmsd_angle.PDB_ins_code_3             ? 
_pdbx_validate_rmsd_angle.label_alt_id_3             ? 
_pdbx_validate_rmsd_angle.angle_value                103.87 
_pdbx_validate_rmsd_angle.angle_target_value         109.40 
_pdbx_validate_rmsd_angle.angle_deviation            -5.53 
_pdbx_validate_rmsd_angle.angle_standard_deviation   0.80 
_pdbx_validate_rmsd_angle.linker_flag                N 
# 
loop_
_pdbx_validate_planes.id 
_pdbx_validate_planes.PDB_model_num 
_pdbx_validate_planes.auth_comp_id 
_pdbx_validate_planes.auth_asym_id 
_pdbx_validate_planes.auth_seq_id 
_pdbx_validate_planes.PDB_ins_code 
_pdbx_validate_planes.label_alt_id 
_pdbx_validate_planes.rmsd 
_pdbx_validate_planes.type 
1 1 G A 1002 ? ? 0.074 'SIDE CHAIN' 
2 1 G A 1003 ? ? 0.056 'SIDE CHAIN' 
3 1 G A 1004 ? ? 0.069 'SIDE CHAIN' 
4 1 G B 2002 ? ? 0.063 'SIDE CHAIN' 
5 1 G B 2003 ? ? 0.057 'SIDE CHAIN' 
6 1 G B 2004 ? ? 0.057 'SIDE CHAIN' 
7 1 U B 2006 ? ? 0.068 'SIDE CHAIN' 
# 
loop_
_pdbx_struct_special_symmetry.id 
_pdbx_struct_special_symmetry.PDB_model_num 
_pdbx_struct_special_symmetry.auth_asym_id 
_pdbx_struct_special_symmetry.auth_comp_id 
_pdbx_struct_special_symmetry.auth_seq_id 
_pdbx_struct_special_symmetry.PDB_ins_code 
_pdbx_struct_special_symmetry.label_asym_id 
_pdbx_struct_special_symmetry.label_comp_id 
_pdbx_struct_special_symmetry.label_seq_id 
1 1 A SR  9001 ? C SR  . 
2 1 A SR  9002 ? D SR  . 
3 1 A NA  9003 ? E NA  . 
4 1 B SR  2101 ? H SR  . 
5 1 B SR  2102 ? I SR  . 
6 1 B NA  2103 ? J NA  . 
7 1 A HOH 9116 ? M HOH . 
8 1 A HOH 9125 ? M HOH . 
# 
loop_
_chem_comp_atom.comp_id 
_chem_comp_atom.atom_id 
_chem_comp_atom.type_symbol 
_chem_comp_atom.pdbx_aromatic_flag 
_chem_comp_atom.pdbx_stereo_config 
_chem_comp_atom.pdbx_ordinal 
CA  CA     CA N N 1  
G   OP3    O  N N 2  
G   P      P  N N 3  
G   OP1    O  N N 4  
G   OP2    O  N N 5  
G   "O5'"  O  N N 6  
G   "C5'"  C  N N 7  
G   "C4'"  C  N R 8  
G   "O4'"  O  N N 9  
G   "C3'"  C  N S 10 
G   "O3'"  O  N N 11 
G   "C2'"  C  N R 12 
G   "O2'"  O  N N 13 
G   "C1'"  C  N R 14 
G   N9     N  Y N 15 
G   C8     C  Y N 16 
G   N7     N  Y N 17 
G   C5     C  Y N 18 
G   C6     C  N N 19 
G   O6     O  N N 20 
G   N1     N  N N 21 
G   C2     C  N N 22 
G   N2     N  N N 23 
G   N3     N  N N 24 
G   C4     C  Y N 25 
G   HOP3   H  N N 26 
G   HOP2   H  N N 27 
G   "H5'"  H  N N 28 
G   "H5''" H  N N 29 
G   "H4'"  H  N N 30 
G   "H3'"  H  N N 31 
G   "HO3'" H  N N 32 
G   "H2'"  H  N N 33 
G   "HO2'" H  N N 34 
G   "H1'"  H  N N 35 
G   H8     H  N N 36 
G   H1     H  N N 37 
G   H21    H  N N 38 
G   H22    H  N N 39 
HOH O      O  N N 40 
HOH H1     H  N N 41 
HOH H2     H  N N 42 
NA  NA     NA N N 43 
SR  SR     SR N N 44 
U   OP3    O  N N 45 
U   P      P  N N 46 
U   OP1    O  N N 47 
U   OP2    O  N N 48 
U   "O5'"  O  N N 49 
U   "C5'"  C  N N 50 
U   "C4'"  C  N R 51 
U   "O4'"  O  N N 52 
U   "C3'"  C  N S 53 
U   "O3'"  O  N N 54 
U   "C2'"  C  N R 55 
U   "O2'"  O  N N 56 
U   "C1'"  C  N R 57 
U   N1     N  N N 58 
U   C2     C  N N 59 
U   O2     O  N N 60 
U   N3     N  N N 61 
U   C4     C  N N 62 
U   O4     O  N N 63 
U   C5     C  N N 64 
U   C6     C  N N 65 
U   HOP3   H  N N 66 
U   HOP2   H  N N 67 
U   "H5'"  H  N N 68 
U   "H5''" H  N N 69 
U   "H4'"  H  N N 70 
U   "H3'"  H  N N 71 
U   "HO3'" H  N N 72 
U   "H2'"  H  N N 73 
U   "HO2'" H  N N 74 
U   "H1'"  H  N N 75 
U   H3     H  N N 76 
U   H5     H  N N 77 
U   H6     H  N N 78 
# 
loop_
_chem_comp_bond.comp_id 
_chem_comp_bond.atom_id_1 
_chem_comp_bond.atom_id_2 
_chem_comp_bond.value_order 
_chem_comp_bond.pdbx_aromatic_flag 
_chem_comp_bond.pdbx_stereo_config 
_chem_comp_bond.pdbx_ordinal 
G   OP3   P      sing N N 1  
G   OP3   HOP3   sing N N 2  
G   P     OP1    doub N N 3  
G   P     OP2    sing N N 4  
G   P     "O5'"  sing N N 5  
G   OP2   HOP2   sing N N 6  
G   "O5'" "C5'"  sing N N 7  
G   "C5'" "C4'"  sing N N 8  
G   "C5'" "H5'"  sing N N 9  
G   "C5'" "H5''" sing N N 10 
G   "C4'" "O4'"  sing N N 11 
G   "C4'" "C3'"  sing N N 12 
G   "C4'" "H4'"  sing N N 13 
G   "O4'" "C1'"  sing N N 14 
G   "C3'" "O3'"  sing N N 15 
G   "C3'" "C2'"  sing N N 16 
G   "C3'" "H3'"  sing N N 17 
G   "O3'" "HO3'" sing N N 18 
G   "C2'" "O2'"  sing N N 19 
G   "C2'" "C1'"  sing N N 20 
G   "C2'" "H2'"  sing N N 21 
G   "O2'" "HO2'" sing N N 22 
G   "C1'" N9     sing N N 23 
G   "C1'" "H1'"  sing N N 24 
G   N9    C8     sing Y N 25 
G   N9    C4     sing Y N 26 
G   C8    N7     doub Y N 27 
G   C8    H8     sing N N 28 
G   N7    C5     sing Y N 29 
G   C5    C6     sing N N 30 
G   C5    C4     doub Y N 31 
G   C6    O6     doub N N 32 
G   C6    N1     sing N N 33 
G   N1    C2     sing N N 34 
G   N1    H1     sing N N 35 
G   C2    N2     sing N N 36 
G   C2    N3     doub N N 37 
G   N2    H21    sing N N 38 
G   N2    H22    sing N N 39 
G   N3    C4     sing N N 40 
HOH O     H1     sing N N 41 
HOH O     H2     sing N N 42 
U   OP3   P      sing N N 43 
U   OP3   HOP3   sing N N 44 
U   P     OP1    doub N N 45 
U   P     OP2    sing N N 46 
U   P     "O5'"  sing N N 47 
U   OP2   HOP2   sing N N 48 
U   "O5'" "C5'"  sing N N 49 
U   "C5'" "C4'"  sing N N 50 
U   "C5'" "H5'"  sing N N 51 
U   "C5'" "H5''" sing N N 52 
U   "C4'" "O4'"  sing N N 53 
U   "C4'" "C3'"  sing N N 54 
U   "C4'" "H4'"  sing N N 55 
U   "O4'" "C1'"  sing N N 56 
U   "C3'" "O3'"  sing N N 57 
U   "C3'" "C2'"  sing N N 58 
U   "C3'" "H3'"  sing N N 59 
U   "O3'" "HO3'" sing N N 60 
U   "C2'" "O2'"  sing N N 61 
U   "C2'" "C1'"  sing N N 62 
U   "C2'" "H2'"  sing N N 63 
U   "O2'" "HO2'" sing N N 64 
U   "C1'" N1     sing N N 65 
U   "C1'" "H1'"  sing N N 66 
U   N1    C2     sing N N 67 
U   N1    C6     sing N N 68 
U   C2    O2     doub N N 69 
U   C2    N3     sing N N 70 
U   N3    C4     sing N N 71 
U   N3    H3     sing N N 72 
U   C4    O4     doub N N 73 
U   C4    C5     sing N N 74 
U   C5    C6     doub N N 75 
U   C5    H5     sing N N 76 
U   C6    H6     sing N N 77 
# 
_ndb_struct_conf_na.entry_id   4RKV 
_ndb_struct_conf_na.feature    'double helix' 
# 
_ndb_struct_na_base_pair.model_number      1 
_ndb_struct_na_base_pair.i_label_asym_id   A 
_ndb_struct_na_base_pair.i_label_comp_id   G 
_ndb_struct_na_base_pair.i_label_seq_id    3 
_ndb_struct_na_base_pair.i_symmetry        1_555 
_ndb_struct_na_base_pair.j_label_asym_id   B 
_ndb_struct_na_base_pair.j_label_comp_id   U 
_ndb_struct_na_base_pair.j_label_seq_id    1 
_ndb_struct_na_base_pair.j_symmetry        1_555 
_ndb_struct_na_base_pair.shear             -1.679 
_ndb_struct_na_base_pair.stretch           7.837 
_ndb_struct_na_base_pair.stagger           0.997 
_ndb_struct_na_base_pair.buckle            18.580 
_ndb_struct_na_base_pair.propeller         14.472 
_ndb_struct_na_base_pair.opening           179.146 
_ndb_struct_na_base_pair.pair_number       1 
_ndb_struct_na_base_pair.pair_name         A_G1003:U2001_B 
_ndb_struct_na_base_pair.i_auth_asym_id    A 
_ndb_struct_na_base_pair.i_auth_seq_id     1003 
_ndb_struct_na_base_pair.i_PDB_ins_code    ? 
_ndb_struct_na_base_pair.j_auth_asym_id    B 
_ndb_struct_na_base_pair.j_auth_seq_id     2001 
_ndb_struct_na_base_pair.j_PDB_ins_code    ? 
_ndb_struct_na_base_pair.hbond_type_28     ? 
_ndb_struct_na_base_pair.hbond_type_12     ? 
# 
_atom_sites.entry_id                    4RKV 
_atom_sites.fract_transf_matrix[1][1]   -0.01001261 
_atom_sites.fract_transf_matrix[1][2]   -0.01684075 
_atom_sites.fract_transf_matrix[1][3]   -0.01899543 
_atom_sites.fract_transf_matrix[2][1]   0.01615997 
_atom_sites.fract_transf_matrix[2][2]   0.01151953 
_atom_sites.fract_transf_matrix[2][3]   -0.01873087 
_atom_sites.fract_transf_matrix[3][1]   0.01934900 
_atom_sites.fract_transf_matrix[3][2]   -0.01790940 
_atom_sites.fract_transf_matrix[3][3]   0.00567893 
_atom_sites.fract_transf_vector[1]      0.653953 
_atom_sites.fract_transf_vector[2]      0.072024 
_atom_sites.fract_transf_vector[3]      0.662440 
# 
loop_
_atom_type.symbol 
C  
CA 
H  
N  
NA 
O  
P  
SR 
# 
loop_
_atom_site.group_PDB 
_atom_site.id 
_atom_site.type_symbol 
_atom_site.label_atom_id 
_atom_site.label_alt_id 
_atom_site.label_comp_id 
_atom_site.label_asym_id 
_atom_site.label_entity_id 
_atom_site.label_seq_id 
_atom_site.pdbx_PDB_ins_code 
_atom_site.Cartn_x 
_atom_site.Cartn_y 
_atom_site.Cartn_z 
_atom_site.occupancy 
_atom_site.B_iso_or_equiv 
_atom_site.pdbx_formal_charge 
_atom_site.auth_seq_id 
_atom_site.auth_comp_id 
_atom_site.auth_asym_id 
_atom_site.auth_atom_id 
_atom_site.pdbx_PDB_model_num 
ATOM   1   O  "O5'"  . U   A 1 1 ? -8.752  -3.153  -3.216  0.69 13.73 ? 1001 U   A "O5'"  1 
ATOM   2   C  "C5'"  . U   A 1 1 ? -7.542  -2.483  -3.492  0.69 10.83 ? 1001 U   A "C5'"  1 
ATOM   3   C  "C4'"  . U   A 1 1 ? -6.745  -2.167  -2.255  0.69 9.66  ? 1001 U   A "C4'"  1 
ATOM   4   O  "O4'"  . U   A 1 1 ? -7.472  -1.211  -1.443  0.69 9.52  ? 1001 U   A "O4'"  1 
ATOM   5   C  "C3'"  . U   A 1 1 ? -6.511  -3.348  -1.320  0.69 8.82  ? 1001 U   A "C3'"  1 
ATOM   6   O  "O3'"  . U   A 1 1 ? -5.413  -4.137  -1.804  0.69 9.67  ? 1001 U   A "O3'"  1 
ATOM   7   C  "C2'"  . U   A 1 1 ? -6.217  -2.626  0.011   0.69 9.27  ? 1001 U   A "C2'"  1 
ATOM   8   O  "O2'"  . U   A 1 1 ? -4.917  -2.013  0.070   0.69 9.35  ? 1001 U   A "O2'"  1 
ATOM   9   C  "C1'"  . U   A 1 1 ? -7.238  -1.474  -0.054  0.69 8.98  ? 1001 U   A "C1'"  1 
ATOM   10  N  N1     . U   A 1 1 ? -8.550  -1.814  0.561   0.69 9.05  ? 1001 U   A N1     1 
ATOM   11  C  C2     . U   A 1 1 ? -8.786  -1.338  1.832   0.69 9.16  ? 1001 U   A C2     1 
ATOM   12  O  O2     . U   A 1 1 ? -7.950  -0.788  2.498   0.69 9.94  ? 1001 U   A O2     1 
ATOM   13  N  N3     . U   A 1 1 ? -10.039 -1.567  2.324   0.69 9.72  ? 1001 U   A N3     1 
ATOM   14  C  C4     . U   A 1 1 ? -11.056 -2.208  1.702   0.69 10.73 ? 1001 U   A C4     1 
ATOM   15  O  O4     . U   A 1 1 ? -12.134 -2.338  2.296   0.69 14.65 ? 1001 U   A O4     1 
ATOM   16  C  C5     . U   A 1 1 ? -10.767 -2.644  0.373   0.69 11.28 ? 1001 U   A C5     1 
ATOM   17  C  C6     . U   A 1 1 ? -9.545  -2.471  -0.130  0.69 10.32 ? 1001 U   A C6     1 
ATOM   18  H  "H5'"  . U   A 1 1 ? -7.764  -1.553  -4.019  0.69 12.13 ? 1001 U   A "H5'"  1 
ATOM   19  H  "H5''" . U   A 1 1 ? -6.936  -3.101  -4.158  0.69 12.13 ? 1001 U   A "H5''" 1 
ATOM   20  H  "H4'"  . U   A 1 1 ? -5.774  -1.748  -2.552  0.69 11.33 ? 1001 U   A "H4'"  1 
ATOM   21  H  "H3'"  . U   A 1 1 ? -7.426  -3.946  -1.225  0.69 11.44 ? 1001 U   A "H3'"  1 
ATOM   22  H  "H2'"  . U   A 1 1 ? -6.416  -3.279  0.871   0.69 10.04 ? 1001 U   A "H2'"  1 
ATOM   23  H  "H1'"  . U   A 1 1 ? -6.801  -0.580  0.414   0.69 11.04 ? 1001 U   A "H1'"  1 
ATOM   24  H  H3     . U   A 1 1 ? -10.217 -1.249  3.295   0.69 12.50 ? 1001 U   A H3     1 
ATOM   25  H  H5     . U   A 1 1 ? -11.514 -3.162  -0.208  0.69 11.44 ? 1001 U   A H5     1 
ATOM   26  H  H6     . U   A 1 1 ? -9.370  -2.775  -1.148  0.69 11.44 ? 1001 U   A H6     1 
ATOM   27  P  P      . G   A 1 2 ? -5.254  -5.663  -1.387  0.69 10.95 ? 1002 G   A P      1 
ATOM   28  O  OP1    . G   A 1 2 ? -4.520  -6.335  -2.489  0.69 13.31 ? 1002 G   A OP1    1 
ATOM   29  O  OP2    . G   A 1 2 ? -6.569  -6.207  -1.006  0.69 13.92 ? 1002 G   A OP2    1 
ATOM   30  O  "O5'"  . G   A 1 2 ? -4.370  -5.570  -0.084  1.00 11.79 ? 1002 G   A "O5'"  1 
ATOM   31  C  "C5'"  . G   A 1 2 ? -2.954  -5.750  -0.099  1.00 10.09 ? 1002 G   A "C5'"  1 
ATOM   32  C  "C4'"  . G   A 1 2 ? -2.209  -4.709  -0.904  1.00 8.75  ? 1002 G   A "C4'"  1 
ATOM   33  O  "O4'"  . G   A 1 2 ? -2.445  -3.407  -0.298  1.00 8.41  ? 1002 G   A "O4'"  1 
ATOM   34  C  "C3'"  . G   A 1 2 ? -0.698  -4.875  -0.832  1.00 9.00  ? 1002 G   A "C3'"  1 
ATOM   35  O  "O3'"  . G   A 1 2 ? -0.310  -5.848  -1.795  1.00 9.67  ? 1002 G   A "O3'"  1 
ATOM   36  C  "C2'"  . G   A 1 2 ? -0.217  -3.468  -1.102  1.00 8.49  ? 1002 G   A "C2'"  1 
ATOM   37  O  "O2'"  . G   A 1 2 ? -0.347  -3.169  -2.490  1.00 9.66  ? 1002 G   A "O2'"  1 
ATOM   38  C  "C1'"  . G   A 1 2 ? -1.243  -2.648  -0.327  1.00 7.80  ? 1002 G   A "C1'"  1 
ATOM   39  N  N9     . G   A 1 2 ? -0.837  -2.420  1.071   1.00 7.31  ? 1002 G   A N9     1 
ATOM   40  C  C8     . G   A 1 2 ? -1.497  -2.816  2.227   1.00 7.49  ? 1002 G   A C8     1 
ATOM   41  N  N7     . G   A 1 2 ? -1.008  -2.246  3.304   1.00 7.19  ? 1002 G   A N7     1 
ATOM   42  C  C5     . G   A 1 2 ? -0.011  -1.418  2.828   1.00 6.70  ? 1002 G   A C5     1 
ATOM   43  C  C6     . G   A 1 2 ? 0.811   -0.485  3.518   1.00 6.40  ? 1002 G   A C6     1 
ATOM   44  O  O6     . G   A 1 2 ? 0.843   -0.260  4.746   1.00 6.33  ? 1002 G   A O6     1 
ATOM   45  N  N1     . G   A 1 2 ? 1.654   0.214   2.650   1.00 6.57  ? 1002 G   A N1     1 
ATOM   46  C  C2     . G   A 1 2 ? 1.747   -0.031  1.291   1.00 6.74  ? 1002 G   A C2     1 
ATOM   47  N  N2     . G   A 1 2 ? 2.683   0.669   0.624   1.00 7.05  ? 1002 G   A N2     1 
ATOM   48  N  N3     . G   A 1 2 ? 0.982   -0.883  0.638   1.00 6.99  ? 1002 G   A N3     1 
ATOM   49  C  C4     . G   A 1 2 ? 0.112   -1.522  1.460   1.00 6.76  ? 1002 G   A C4     1 
ATOM   50  H  "H5'"  . G   A 1 2 ? -2.713  -6.743  -0.480  1.00 10.99 ? 1002 G   A "H5'"  1 
ATOM   51  H  "H5''" . G   A 1 2 ? -2.605  -5.694  0.930   1.00 10.99 ? 1002 G   A "H5''" 1 
ATOM   52  H  "H4'"  . G   A 1 2 ? -2.532  -4.721  -1.955  1.00 7.81  ? 1002 G   A "H4'"  1 
ATOM   53  H  "H3'"  . G   A 1 2 ? -0.413  -5.174  0.186   1.00 10.99 ? 1002 G   A "H3'"  1 
ATOM   54  H  "H2'"  . G   A 1 2 ? 0.801   -3.309  -0.721  1.00 8.02  ? 1002 G   A "H2'"  1 
ATOM   55  H  "H1'"  . G   A 1 2 ? -1.400  -1.687  -0.835  1.00 8.18  ? 1002 G   A "H1'"  1 
ATOM   56  H  H8     . G   A 1 2 ? -2.333  -3.504  2.243   1.00 8.49  ? 1002 G   A H8     1 
ATOM   57  H  H1     . G   A 1 2 ? 2.389   0.805   3.085   1.00 8.80  ? 1002 G   A H1     1 
ATOM   58  H  H21    . G   A 1 2 ? 3.277   1.318   1.116   1.00 8.80  ? 1002 G   A H21    1 
ATOM   59  H  H22    . G   A 1 2 ? 2.724   0.618   -0.385  1.00 8.80  ? 1002 G   A H22    1 
ATOM   60  P  P      . G   A 1 3 ? 1.031   -6.687  -1.603  1.00 9.64  ? 1003 G   A P      1 
ATOM   61  O  OP1    . G   A 1 3 ? 0.996   -7.702  -2.687  1.00 12.02 ? 1003 G   A OP1    1 
ATOM   62  O  OP2    . G   A 1 3 ? 1.143   -7.113  -0.168  1.00 10.42 ? 1003 G   A OP2    1 
ATOM   63  O  "O5'"  . G   A 1 3 ? 2.219   -5.662  -1.810  1.00 9.30  ? 1003 G   A "O5'"  1 
ATOM   64  C  "C5'"  . G   A 1 3 ? 2.523   -5.080  -3.093  1.00 9.14  ? 1003 G   A "C5'"  1 
ATOM   65  C  "C4'"  . G   A 1 3 ? 3.816   -4.312  -2.950  1.00 8.53  ? 1003 G   A "C4'"  1 
ATOM   66  O  "O4'"  . G   A 1 3 ? 3.654   -3.285  -1.926  1.00 8.42  ? 1003 G   A "O4'"  1 
ATOM   67  C  "C3'"  . G   A 1 3 ? 5.000   -5.173  -2.500  1.00 8.78  ? 1003 G   A "C3'"  1 
ATOM   68  O  "O3'"  . G   A 1 3 ? 6.180   -4.582  -3.098  1.00 9.09  ? 1003 G   A "O3'"  1 
ATOM   69  C  "C2'"  . G   A 1 3 ? 5.015   -4.953  -1.000  1.00 8.21  ? 1003 G   A "C2'"  1 
ATOM   70  O  "O2'"  . G   A 1 3 ? 6.225   -5.181  -0.323  1.00 9.10  ? 1003 G   A "O2'"  1 
ATOM   71  C  "C1'"  . G   A 1 3 ? 4.625   -3.479  -0.897  1.00 7.89  ? 1003 G   A "C1'"  1 
ATOM   72  N  N9     . G   A 1 3 ? 4.028   -3.140  0.388   1.00 7.34  ? 1003 G   A N9     1 
ATOM   73  C  C8     . G   A 1 3 ? 3.041   -3.845  1.068   1.00 7.42  ? 1003 G   A C8     1 
ATOM   74  N  N7     . G   A 1 3 ? 2.860   -3.410  2.287   1.00 6.89  ? 1003 G   A N7     1 
ATOM   75  C  C5     . G   A 1 3 ? 3.770   -2.381  2.435   1.00 6.65  ? 1003 G   A C5     1 
ATOM   76  C  C6     . G   A 1 3 ? 4.049   -1.554  3.557   1.00 6.38  ? 1003 G   A C6     1 
ATOM   77  O  O6     . G   A 1 3 ? 3.489   -1.571  4.667   1.00 6.44  ? 1003 G   A O6     1 
ATOM   78  N  N1     . G   A 1 3 ? 5.036   -0.626  3.287   1.00 6.56  ? 1003 G   A N1     1 
ATOM   79  C  C2     . G   A 1 3 ? 5.687   -0.489  2.074   1.00 6.74  ? 1003 G   A C2     1 
ATOM   80  N  N2     . G   A 1 3 ? 6.594   0.483   1.979   1.00 7.21  ? 1003 G   A N2     1 
ATOM   81  N  N3     . G   A 1 3 ? 5.435   -1.259  1.013   1.00 7.13  ? 1003 G   A N3     1 
ATOM   82  C  C4     . G   A 1 3 ? 4.488   -2.174  1.268   1.00 6.74  ? 1003 G   A C4     1 
ATOM   83  H  "H5'"  . G   A 1 3 ? 1.721   -4.410  -3.408  1.00 10.00 ? 1003 G   A "H5'"  1 
ATOM   84  H  "H5''" . G   A 1 3 ? 2.634   -5.864  -3.844  1.00 10.00 ? 1003 G   A "H5''" 1 
ATOM   85  H  "H4'"  . G   A 1 3 ? 4.057   -3.844  -3.914  1.00 9.41  ? 1003 G   A "H4'"  1 
ATOM   86  H  "H3'"  . G   A 1 3 ? 4.861   -6.230  -2.762  1.00 9.90  ? 1003 G   A "H3'"  1 
ATOM   87  H  "H2'"  . G   A 1 3 ? 4.236   -5.579  -0.549  1.00 8.55  ? 1003 G   A "H2'"  1 
ATOM   88  H  "H1'"  . G   A 1 3 ? 5.511   -2.859  -1.091  1.00 9.10  ? 1003 G   A "H1'"  1 
ATOM   89  H  H8     . G   A 1 3 ? 2.524   -4.704  0.661   1.00 8.55  ? 1003 G   A H8     1 
ATOM   90  H  H1     . G   A 1 3 ? 5.246   0.070   4.030   1.00 8.79  ? 1003 G   A H1     1 
ATOM   91  H  H21    . G   A 1 3 ? 6.788   1.076   2.773   1.00 8.79  ? 1003 G   A H21    1 
ATOM   92  H  H22    . G   A 1 3 ? 7.140   0.581   1.136   1.00 8.79  ? 1003 G   A H22    1 
ATOM   93  P  P      . G   A 1 4 ? 7.610   -5.266  -3.111  1.00 9.96  ? 1004 G   A P      1 
ATOM   94  O  OP1    . G   A 1 4 ? 8.027   -5.306  -4.542  1.00 12.15 ? 1004 G   A OP1    1 
ATOM   95  O  OP2    . G   A 1 4 ? 7.646   -6.560  -2.373  1.00 11.63 ? 1004 G   A OP2    1 
ATOM   96  O  "O5'"  . G   A 1 4 ? 8.529   -4.239  -2.312  1.00 9.54  ? 1004 G   A "O5'"  1 
ATOM   97  C  "C5'"  . G   A 1 4 ? 8.884   -3.009  -2.979  1.00 9.62  ? 1004 G   A "C5'"  1 
ATOM   98  C  "C4'"  . G   A 1 4 ? 9.636   -2.126  -2.052  1.00 9.36  ? 1004 G   A "C4'"  1 
ATOM   99  O  "O4'"  . G   A 1 4 ? 8.739   -1.580  -1.032  1.00 8.76  ? 1004 G   A "O4'"  1 
ATOM   100 C  "C3'"  . G   A 1 4 ? 10.721  -2.769  -1.198  1.00 9.19  ? 1004 G   A "C3'"  1 
ATOM   101 O  "O3'"  . G   A 1 4 ? 11.872  -3.005  -2.031  1.00 10.68 ? 1004 G   A "O3'"  1 
ATOM   102 C  "C2'"  . G   A 1 4 ? 10.914  -1.725  -0.115  1.00 9.20  ? 1004 G   A "C2'"  1 
ATOM   103 O  "O2'"  . G   A 1 4 ? 11.636  -0.626  -0.681  1.00 10.97 ? 1004 G   A "O2'"  1 
ATOM   104 C  "C1'"  . G   A 1 4 ? 9.482   -1.319  0.159   1.00 8.55  ? 1004 G   A "C1'"  1 
ATOM   105 N  N9     . G   A 1 4 ? 8.848   -2.092  1.243   1.00 7.73  ? 1004 G   A N9     1 
ATOM   106 C  C8     . G   A 1 4 ? 7.997   -3.155  1.136   1.00 7.60  ? 1004 G   A C8     1 
ATOM   107 N  N7     . G   A 1 4 ? 7.480   -3.518  2.288   1.00 7.51  ? 1004 G   A N7     1 
ATOM   108 C  C5     . G   A 1 4 ? 8.018   -2.611  3.203   1.00 7.28  ? 1004 G   A C5     1 
ATOM   109 C  C6     . G   A 1 4 ? 7.791   -2.443  4.576   1.00 6.76  ? 1004 G   A C6     1 
ATOM   110 O  O6     . G   A 1 4 ? 7.040   -3.117  5.319   1.00 7.03  ? 1004 G   A O6     1 
ATOM   111 N  N1     . G   A 1 4 ? 8.517   -1.390  5.118   1.00 7.08  ? 1004 G   A N1     1 
ATOM   112 C  C2     . G   A 1 4 ? 9.435   -0.636  4.406   1.00 7.29  ? 1004 G   A C2     1 
ATOM   113 N  N2     . G   A 1 4 ? 10.153  0.254   5.118   1.00 8.00  ? 1004 G   A N2     1 
ATOM   114 N  N3     . G   A 1 4 ? 9.632   -0.757  3.102   1.00 7.65  ? 1004 G   A N3     1 
ATOM   115 C  C4     . G   A 1 4 ? 8.890   -1.749  2.563   1.00 7.43  ? 1004 G   A C4     1 
ATOM   116 H  "H5'"  . G   A 1 4 ? 7.983   -2.505  -3.328  1.00 13.42 ? 1004 G   A "H5'"  1 
ATOM   117 H  "H5''" . G   A 1 4 ? 9.505   -3.230  -3.850  1.00 13.42 ? 1004 G   A "H5''" 1 
ATOM   118 H  "H4'"  . G   A 1 4 ? 10.087  -1.312  -2.636  1.00 13.79 ? 1004 G   A "H4'"  1 
ATOM   119 H  "H3'"  . G   A 1 4 ? 10.347  -3.696  -0.745  1.00 14.06 ? 1004 G   A "H3'"  1 
ATOM   120 H  "H2'"  . G   A 1 4 ? 11.396  -2.143  0.776   1.00 13.36 ? 1004 G   A "H2'"  1 
ATOM   121 H  "H1'"  . G   A 1 4 ? 9.453   -0.246  0.393   1.00 12.14 ? 1004 G   A "H1'"  1 
ATOM   122 H  H8     . G   A 1 4 ? 7.730   -3.602  0.190   1.00 10.24 ? 1004 G   A H8     1 
ATOM   123 H  H1     . G   A 1 4 ? 8.515   -1.291  6.152   1.00 9.87  ? 1004 G   A H1     1 
ATOM   124 H  H21    . G   A 1 4 ? 9.963   0.384   6.100   1.00 9.87  ? 1004 G   A H21    1 
ATOM   125 H  H22    . G   A 1 4 ? 10.724  0.930   4.632   1.00 9.87  ? 1004 G   A H22    1 
ATOM   126 P  P      . G   A 1 5 ? 12.885  -4.172  -1.645  1.00 10.84 ? 1005 G   A P      1 
ATOM   127 O  OP1    . G   A 1 5 ? 13.863  -4.203  -2.779  1.00 12.53 ? 1005 G   A OP1    1 
ATOM   128 O  OP2    . G   A 1 5 ? 12.095  -5.401  -1.271  1.00 12.68 ? 1005 G   A OP2    1 
ATOM   129 O  "O5'"  . G   A 1 5 ? 13.560  -3.644  -0.310  1.00 11.49 ? 1005 G   A "O5'"  1 
ATOM   130 C  "C5'"  . G   A 1 5 ? 14.519  -2.556  -0.409  1.00 11.65 ? 1005 G   A "C5'"  1 
ATOM   131 C  "C4'"  . G   A 1 5 ? 15.033  -2.266  0.960   1.00 11.64 ? 1005 G   A "C4'"  1 
ATOM   132 O  "O4'"  . G   A 1 5 ? 13.953  -1.725  1.770   1.00 10.61 ? 1005 G   A "O4'"  1 
ATOM   133 C  "C3'"  . G   A 1 5 ? 15.481  -3.495  1.777   1.00 12.49 ? 1005 G   A "C3'"  1 
ATOM   134 O  "O3'"  A G   A 1 5 ? 16.823  -3.852  1.599   0.44 15.34 ? 1005 G   A "O3'"  1 
ATOM   135 O  "O3'"  B G   A 1 5 ? 16.754  -3.919  1.291   0.56 12.06 ? 1005 G   A "O3'"  1 
ATOM   136 C  "C2'"  . G   A 1 5 ? 15.444  -2.958  3.188   1.00 12.91 ? 1005 G   A "C2'"  1 
ATOM   137 O  "O2'"  . G   A 1 5 ? 16.564  -2.131  3.455   1.00 14.74 ? 1005 G   A "O2'"  1 
ATOM   138 C  "C1'"  . G   A 1 5 ? 14.192  -2.053  3.143   1.00 10.64 ? 1005 G   A "C1'"  1 
ATOM   139 N  N9     . G   A 1 5 ? 12.982  -2.720  3.649   1.00 9.60  ? 1005 G   A N9     1 
ATOM   140 C  C8     . G   A 1 5 ? 12.170  -3.590  2.973   1.00 9.23  ? 1005 G   A C8     1 
ATOM   141 N  N7     . G   A 1 5 ? 11.186  -4.027  3.711   1.00 8.67  ? 1005 G   A N7     1 
ATOM   142 C  C5     . G   A 1 5 ? 11.364  -3.393  4.937   1.00 8.36  ? 1005 G   A C5     1 
ATOM   143 C  C6     . G   A 1 5 ? 10.605  -3.492  6.141   1.00 7.92  ? 1005 G   A C6     1 
ATOM   144 O  O6     . G   A 1 5 ? 9.581   -4.163  6.347   1.00 7.94  ? 1005 G   A O6     1 
ATOM   145 N  N1     . G   A 1 5 ? 11.135  -2.687  7.154   1.00 8.17  ? 1005 G   A N1     1 
ATOM   146 C  C2     . G   A 1 5 ? 12.276  -1.917  7.014   1.00 8.78  ? 1005 G   A C2     1 
ATOM   147 N  N2     . G   A 1 5 ? 12.661  -1.223  8.101   1.00 9.66  ? 1005 G   A N2     1 
ATOM   148 N  N3     . G   A 1 5 ? 12.968  -1.820  5.888   1.00 9.32  ? 1005 G   A N3     1 
ATOM   149 C  C4     . G   A 1 5 ? 12.470  -2.595  4.913   1.00 8.66  ? 1005 G   A C4     1 
ATOM   150 H  "H5'"  . G   A 1 5 ? 14.037  -1.667  -0.821  1.00 15.85 ? 1005 G   A "H5'"  1 
ATOM   151 H  "H5''" . G   A 1 5 ? 15.345  -2.830  -1.067  1.00 15.85 ? 1005 G   A "H5''" 1 
ATOM   152 H  "H4'"  . G   A 1 5 ? 15.862  -1.547  0.896   1.00 15.96 ? 1005 G   A "H4'"  1 
ATOM   153 H  "H3'"  . G   A 1 5 ? 14.773  -4.326  1.679   1.00 15.44 ? 1005 G   A "H3'"  1 
ATOM   154 H  "H2'"  . G   A 1 5 ? 15.317  -3.761  3.926   1.00 17.09 ? 1005 G   A "H2'"  1 
ATOM   155 H  "H1'"  . G   A 1 5 ? 14.394  -1.139  3.718   1.00 14.57 ? 1005 G   A "H1'"  1 
ATOM   156 H  H8     . G   A 1 5 ? 12.323  -3.885  1.943   1.00 13.36 ? 1005 G   A H8     1 
ATOM   157 H  H1     . G   A 1 5 ? 10.651  -2.689  8.073   1.00 11.04 ? 1005 G   A H1     1 
ATOM   158 H  H21    . G   A 1 5 ? 12.116  -1.265  8.950   1.00 11.04 ? 1005 G   A H21    1 
ATOM   159 H  H22    . G   A 1 5 ? 13.472  -0.623  8.055   1.00 11.04 ? 1005 G   A H22    1 
ATOM   160 P  P      A U   A 1 6 ? 17.332  -5.314  1.985   0.44 14.93 ? 1006 U   A P      1 
ATOM   161 P  P      B U   A 1 6 ? 16.944  -5.292  0.376   0.56 11.83 ? 1006 U   A P      1 
ATOM   162 O  OP1    A U   A 1 6 ? 17.108  -5.482  3.457   0.44 17.09 ? 1006 U   A OP1    1 
ATOM   163 O  OP1    B U   A 1 6 ? 18.412  -5.478  0.237   0.56 13.93 ? 1006 U   A OP1    1 
ATOM   164 O  OP2    A U   A 1 6 ? 18.685  -5.416  1.519   0.44 41.10 ? 1006 U   A OP2    1 
ATOM   165 O  OP2    B U   A 1 6 ? 16.173  -5.243  -0.901  0.56 12.59 ? 1006 U   A OP2    1 
ATOM   166 O  "O5'"  A U   A 1 6 ? 16.253  -6.257  1.225   0.44 11.72 ? 1006 U   A "O5'"  1 
ATOM   167 O  "O5'"  B U   A 1 6 ? 16.368  -6.369  1.375   0.56 17.68 ? 1006 U   A "O5'"  1 
ATOM   168 C  "C5'"  . U   A 1 6 ? 16.547  -7.700  0.990   1.00 14.50 ? 1006 U   A "C5'"  1 
ATOM   169 C  "C4'"  . U   A 1 6 ? 15.267  -8.461  0.959   1.00 12.52 ? 1006 U   A "C4'"  1 
ATOM   170 O  "O4'"  . U   A 1 6 ? 14.731  -8.555  2.308   1.00 13.73 ? 1006 U   A "O4'"  1 
ATOM   171 C  "C3'"  . U   A 1 6 ? 14.176  -7.876  0.070   1.00 13.61 ? 1006 U   A "C3'"  1 
ATOM   172 O  "O3'"  . U   A 1 6 ? 13.410  -8.925  -0.557  1.00 14.99 ? 1006 U   A "O3'"  1 
ATOM   173 C  "C2'"  . U   A 1 6 ? 13.262  -7.205  1.091   1.00 10.73 ? 1006 U   A "C2'"  1 
ATOM   174 O  "O2'"  . U   A 1 6 ? 11.915  -7.091  0.683   1.00 11.28 ? 1006 U   A "O2'"  1 
ATOM   175 C  "C1'"  . U   A 1 6 ? 13.357  -8.197  2.251   1.00 11.57 ? 1006 U   A "C1'"  1 
ATOM   176 N  N1     . U   A 1 6 ? 13.019  -7.603  3.554   1.00 10.06 ? 1006 U   A N1     1 
ATOM   177 C  C2     . U   A 1 6 ? 11.914  -8.087  4.222   1.00 10.19 ? 1006 U   A C2     1 
ATOM   178 O  O2     . U   A 1 6 ? 11.193  -8.972  3.788   1.00 12.75 ? 1006 U   A O2     1 
ATOM   179 N  N3     . U   A 1 6 ? 11.669  -7.476  5.416   1.00 9.42  ? 1006 U   A N3     1 
ATOM   180 C  C4     . U   A 1 6 ? 12.406  -6.489  6.035   1.00 8.61  ? 1006 U   A C4     1 
ATOM   181 O  O4     . U   A 1 6 ? 12.025  -6.064  7.120   1.00 8.92  ? 1006 U   A O4     1 
ATOM   182 C  C5     . U   A 1 6 ? 13.557  -6.049  5.299   1.00 9.83  ? 1006 U   A C5     1 
ATOM   183 C  C6     . U   A 1 6 ? 13.825  -6.628  4.112   1.00 10.43 ? 1006 U   A C6     1 
ATOM   184 H  "H5'"  . U   A 1 6 ? 17.208  -8.136  1.744   1.00 15.26 ? 1006 U   A "H5'"  1 
ATOM   185 H  "H5''" . U   A 1 6 ? 17.044  -7.788  0.022   1.00 15.26 ? 1006 U   A "H5''" 1 
ATOM   186 H  "H4'"  . U   A 1 6 ? 15.482  -9.471  0.594   1.00 16.31 ? 1006 U   A "H4'"  1 
ATOM   187 H  "H3'"  . U   A 1 6 ? 14.575  -7.154  -0.653  1.00 18.35 ? 1006 U   A "H3'"  1 
ATOM   188 H  "H2'"  . U   A 1 6 ? 13.668  -6.230  1.385   1.00 15.97 ? 1006 U   A "H2'"  1 
ATOM   189 H  "H1'"  . U   A 1 6 ? 12.744  -9.080  2.026   1.00 15.09 ? 1006 U   A "H1'"  1 
ATOM   190 H  H3     . U   A 1 6 ? 10.830  -7.851  5.882   1.00 10.78 ? 1006 U   A H3     1 
ATOM   191 H  H5     . U   A 1 6 ? 14.196  -5.265  5.687   1.00 16.52 ? 1006 U   A H5     1 
ATOM   192 H  H6     . U   A 1 6 ? 14.678  -6.284  3.546   1.00 16.52 ? 1006 U   A H6     1 
ATOM   193 O  "O5'"  . U   B 1 1 ? 6.770   -0.993  -6.103  1.00 11.35 ? 2001 U   B "O5'"  1 
ATOM   194 C  "C5'"  . U   B 1 1 ? 5.570   -1.597  -5.571  1.00 10.03 ? 2001 U   B "C5'"  1 
ATOM   195 C  "C4'"  . U   B 1 1 ? 5.105   -0.861  -4.334  1.00 9.34  ? 2001 U   B "C4'"  1 
ATOM   196 O  "O4'"  . U   B 1 1 ? 6.096   -1.019  -3.285  1.00 9.01  ? 2001 U   B "O4'"  1 
ATOM   197 C  "C3'"  . U   B 1 1 ? 4.977   0.651   -4.474  1.00 8.78  ? 2001 U   B "C3'"  1 
ATOM   198 O  "O3'"  . U   B 1 1 ? 3.746   0.960   -5.127  1.00 9.63  ? 2001 U   B "O3'"  1 
ATOM   199 C  "C2'"  . U   B 1 1 ? 5.048   1.105   -3.020  1.00 8.57  ? 2001 U   B "C2'"  1 
ATOM   200 O  "O2'"  . U   B 1 1 ? 3.875   0.786   -2.294  1.00 9.64  ? 2001 U   B "O2'"  1 
ATOM   201 C  "C1'"  . U   B 1 1 ? 6.161   0.169   -2.500  1.00 8.50  ? 2001 U   B "C1'"  1 
ATOM   202 N  N1     . U   B 1 1 ? 7.517   0.745   -2.646  1.00 8.76  ? 2001 U   B N1     1 
ATOM   203 C  C2     . U   B 1 1 ? 8.037   1.410   -1.542  1.00 8.44  ? 2001 U   B C2     1 
ATOM   204 O  O2     . U   B 1 1 ? 7.390   1.602   -0.526  1.00 9.02  ? 2001 U   B O2     1 
ATOM   205 N  N3     . U   B 1 1 ? 9.335   1.846   -1.673  1.00 9.22  ? 2001 U   B N3     1 
ATOM   206 C  C4     . U   B 1 1 ? 10.125  1.747   -2.803  1.00 10.32 ? 2001 U   B C4     1 
ATOM   207 O  O4     . U   B 1 1 ? 11.260  2.202   -2.798  1.00 12.81 ? 2001 U   B O4     1 
ATOM   208 C  C5     . U   B 1 1 ? 9.514   1.047   -3.904  1.00 10.63 ? 2001 U   B C5     1 
ATOM   209 C  C6     . U   B 1 1 ? 8.274   0.557   -3.788  1.00 9.26  ? 2001 U   B C6     1 
ATOM   210 H  "H5'"  . U   B 1 1 ? 5.767   -2.642  -5.323  1.00 10.75 ? 2001 U   B "H5'"  1 
ATOM   211 H  "H5''" . U   B 1 1 ? 4.784   -1.573  -6.329  1.00 10.75 ? 2001 U   B "H5''" 1 
ATOM   212 H  "H4'"  . U   B 1 1 ? 4.142   -1.277  -4.011  1.00 11.44 ? 2001 U   B "H4'"  1 
ATOM   213 H  "H3'"  . U   B 1 1 ? 5.834   1.053   -5.027  1.00 12.49 ? 2001 U   B "H3'"  1 
ATOM   214 H  "H2'"  . U   B 1 1 ? 5.337   2.163   -2.935  1.00 11.71 ? 2001 U   B "H2'"  1 
ATOM   215 H  "H1'"  . U   B 1 1 ? 5.954   -0.084  -1.450  1.00 11.71 ? 2001 U   B "H1'"  1 
ATOM   216 H  H3     . U   B 1 1 ? 9.724   2.386   -0.877  1.00 11.94 ? 2001 U   B H3     1 
ATOM   217 H  H5     . U   B 1 1 ? 10.079  0.872   -4.810  1.00 12.49 ? 2001 U   B H5     1 
ATOM   218 H  H6     . U   B 1 1 ? 7.858   0.025   -4.625  1.00 12.49 ? 2001 U   B H6     1 
ATOM   219 P  P      . G   B 1 2 ? 3.529   2.335   -5.887  1.00 10.45 ? 2002 G   B P      1 
ATOM   220 O  OP1    . G   B 1 2 ? 2.529   2.068   -6.957  1.00 12.29 ? 2002 G   B OP1    1 
ATOM   221 O  OP2    . G   B 1 2 ? 4.855   2.899   -6.243  1.00 12.71 ? 2002 G   B OP2    1 
ATOM   222 O  "O5'"  . G   B 1 2 ? 2.898   3.259   -4.746  1.00 9.91  ? 2002 G   B "O5'"  1 
ATOM   223 C  "C5'"  . G   B 1 2 ? 1.470   3.437   -4.626  1.00 9.32  ? 2002 G   B "C5'"  1 
ATOM   224 C  "C4'"  . G   B 1 2 ? 0.735   2.163   -4.290  1.00 8.24  ? 2002 G   B "C4'"  1 
ATOM   225 O  "O4'"  . G   B 1 2 ? 1.260   1.608   -3.051  1.00 7.78  ? 2002 G   B "O4'"  1 
ATOM   226 C  "C3'"  . G   B 1 2 ? -0.737  2.397   -4.015  1.00 8.10  ? 2002 G   B "C3'"  1 
ATOM   227 O  "O3'"  . G   B 1 2 ? -1.448  2.413   -5.239  1.00 8.85  ? 2002 G   B "O3'"  1 
ATOM   228 C  "C2'"  . G   B 1 2 ? -1.074  1.242   -3.093  1.00 8.07  ? 2002 G   B "C2'"  1 
ATOM   229 O  "O2'"  . G   B 1 2 ? -1.205  0.043   -3.845  1.00 9.09  ? 2002 G   B "O2'"  1 
ATOM   230 C  "C1'"  . G   B 1 2 ? 0.169   1.199   -2.224  1.00 7.65  ? 2002 G   B "C1'"  1 
ATOM   231 N  N9     . G   B 1 2 ? 0.106   2.107   -1.093  1.00 7.20  ? 2002 G   B N9     1 
ATOM   232 C  C8     . G   B 1 2 ? 0.931   3.161   -0.798  1.00 7.14  ? 2002 G   B C8     1 
ATOM   233 N  N7     . G   B 1 2 ? 0.738   3.652   0.395   1.00 7.14  ? 2002 G   B N7     1 
ATOM   234 C  C5     . G   B 1 2 ? -0.268  2.857   0.936   1.00 6.68  ? 2002 G   B C5     1 
ATOM   235 C  C6     . G   B 1 2 ? -0.852  2.861   2.211   1.00 6.46  ? 2002 G   B C6     1 
ATOM   236 O  O6     . G   B 1 2 ? -0.609  3.650   3.150   1.00 6.75  ? 2002 G   B O6     1 
ATOM   237 N  N1     . G   B 1 2 ? -1.772  1.844   2.374   1.00 6.50  ? 2002 G   B N1     1 
ATOM   238 C  C2     . G   B 1 2 ? -2.165  0.966   1.355   1.00 6.70  ? 2002 G   B C2     1 
ATOM   239 N  N2     . G   B 1 2 ? -3.146  0.114   1.667   1.00 7.34  ? 2002 G   B N2     1 
ATOM   240 N  N3     . G   B 1 2 ? -1.626  0.967   0.155   1.00 7.03  ? 2002 G   B N3     1 
ATOM   241 C  C4     . G   B 1 2 ? -0.679  1.901   0.017   1.00 6.68  ? 2002 G   B C4     1 
ATOM   242 H  "H5'"  . G   B 1 2 ? 1.070   3.862   -5.549  1.00 14.72 ? 2002 G   B "H5'"  1 
ATOM   243 H  "H5''" . G   B 1 2 ? 1.295   4.149   -3.823  1.00 14.72 ? 2002 G   B "H5''" 1 
ATOM   244 H  "H4'"  . G   B 1 2 ? 0.835   1.437   -5.109  1.00 10.33 ? 2002 G   B "H4'"  1 
ATOM   245 H  "H3'"  . G   B 1 2 ? -0.858  3.343   -3.470  1.00 14.72 ? 2002 G   B "H3'"  1 
ATOM   246 H  "H2'"  . G   B 1 2 ? -1.971  1.464   -2.501  1.00 9.13  ? 2002 G   B "H2'"  1 
ATOM   247 H  "H1'"  . G   B 1 2 ? 0.320   0.171   -1.866  1.00 8.91  ? 2002 G   B "H1'"  1 
ATOM   248 H  H8     . G   B 1 2 ? 1.683   3.544   -1.477  1.00 9.07  ? 2002 G   B H8     1 
ATOM   249 H  H1     . G   B 1 2 ? -2.343  1.861   3.242   1.00 8.01  ? 2002 G   B H1     1 
ATOM   250 H  H21    . G   B 1 2 ? -3.566  0.136   2.585   1.00 8.01  ? 2002 G   B H21    1 
ATOM   251 H  H22    . G   B 1 2 ? -3.410  -0.608  1.014   1.00 8.01  ? 2002 G   B H22    1 
ATOM   252 P  P      . G   B 1 3 ? -2.798  3.262   -5.388  1.00 8.71  ? 2003 G   B P      1 
ATOM   253 O  OP1    . G   B 1 3 ? -3.127  3.137   -6.832  1.00 9.86  ? 2003 G   B OP1    1 
ATOM   254 O  OP2    . G   B 1 3 ? -2.640  4.594   -4.730  1.00 9.58  ? 2003 G   B OP2    1 
ATOM   255 O  "O5'"  . G   B 1 3 ? -3.869  2.490   -4.493  1.00 8.97  ? 2003 G   B "O5'"  1 
ATOM   256 C  "C5'"  . G   B 1 3 ? -4.374  1.216   -4.894  1.00 9.06  ? 2003 G   B "C5'"  1 
ATOM   257 C  "C4'"  . G   B 1 3 ? -5.564  0.906   -4.044  1.00 9.49  ? 2003 G   B "C4'"  1 
ATOM   258 O  "O4'"  . G   B 1 3 ? -5.145  0.929   -2.650  1.00 9.10  ? 2003 G   B "O4'"  1 
ATOM   259 C  "C3'"  . G   B 1 3 ? -6.718  1.912   -4.169  1.00 9.79  ? 2003 G   B "C3'"  1 
ATOM   260 O  "O3'"  . G   B 1 3 ? -7.909  1.177   -3.891  1.00 10.43 ? 2003 G   B "O3'"  1 
ATOM   261 C  "C2'"  . G   B 1 3 ? -6.396  2.889   -3.056  1.00 9.47  ? 2003 G   B "C2'"  1 
ATOM   262 O  "O2'"  . G   B 1 3 ? -7.432  3.694   -2.583  1.00 11.04 ? 2003 G   B "O2'"  1 
ATOM   263 C  "C1'"  . G   B 1 3 ? -5.875  1.939   -1.970  1.00 9.11  ? 2003 G   B "C1'"  1 
ATOM   264 N  N9     . G   B 1 3 ? -4.981  2.632   -1.034  1.00 8.35  ? 2003 G   B N9     1 
ATOM   265 C  C8     . G   B 1 3 ? -3.952  3.478   -1.364  1.00 8.53  ? 2003 G   B C8     1 
ATOM   266 N  N7     . G   B 1 3 ? -3.446  4.065   -0.308  1.00 7.43  ? 2003 G   B N7     1 
ATOM   267 C  C5     . G   B 1 3 ? -4.186  3.583   0.767   1.00 7.38  ? 2003 G   B C5     1 
ATOM   268 C  C6     . G   B 1 3 ? -4.110  3.911   2.140   1.00 6.97  ? 2003 G   B C6     1 
ATOM   269 O  O6     . G   B 1 3 ? -3.335  4.707   2.694   1.00 7.14  ? 2003 G   B O6     1 
ATOM   270 N  N1     . G   B 1 3 ? -5.046  3.197   2.902   1.00 7.19  ? 2003 G   B N1     1 
ATOM   271 C  C2     . G   B 1 3 ? -5.918  2.265   2.372   1.00 7.46  ? 2003 G   B C2     1 
ATOM   272 N  N2     . G   B 1 3 ? -6.726  1.656   3.258   1.00 8.11  ? 2003 G   B N2     1 
ATOM   273 N  N3     . G   B 1 3 ? -5.992  1.976   1.081   1.00 8.14  ? 2003 G   B N3     1 
ATOM   274 C  C4     . G   B 1 3 ? -5.108  2.674   0.344   1.00 7.70  ? 2003 G   B C4     1 
ATOM   275 H  "H5'"  . G   B 1 3 ? -3.611  0.447   -4.761  1.00 9.71  ? 2003 G   B "H5'"  1 
ATOM   276 H  "H5''" . G   B 1 3 ? -4.664  1.235   -5.946  1.00 9.71  ? 2003 G   B "H5''" 1 
ATOM   277 H  "H4'"  . G   B 1 3 ? -5.931  -0.095  -4.307  1.00 12.13 ? 2003 G   B "H4'"  1 
ATOM   278 H  "H3'"  . G   B 1 3 ? -6.727  2.399   -5.154  1.00 10.52 ? 2003 G   B "H3'"  1 
ATOM   279 H  "H2'"  . G   B 1 3 ? -5.587  3.542   -3.400  1.00 9.78  ? 2003 G   B "H2'"  1 
ATOM   280 H  "H1'"  . G   B 1 3 ? -6.729  1.498   -1.438  1.00 8.67  ? 2003 G   B "H1'"  1 
ATOM   281 H  H8     . G   B 1 3 ? -3.628  3.692   -2.373  1.00 9.78  ? 2003 G   B H8     1 
ATOM   282 H  H1     . G   B 1 3 ? -5.006  3.306   3.934   1.00 9.85  ? 2003 G   B H1     1 
ATOM   283 H  H21    . G   B 1 3 ? -6.662  1.873   4.241   1.00 9.85  ? 2003 G   B H21    1 
ATOM   284 H  H22    . G   B 1 3 ? -7.434  1.013   2.933   1.00 9.85  ? 2003 G   B H22    1 
ATOM   285 P  P      . G   B 1 4 ? -9.374  1.809   -4.077  1.00 11.76 ? 2004 G   B P      1 
ATOM   286 O  OP1    . G   B 1 4 ? -10.126 0.883   -4.963  1.00 15.62 ? 2004 G   B OP1    1 
ATOM   287 O  OP2    . G   B 1 4 ? -9.313  3.252   -4.476  1.00 13.81 ? 2004 G   B OP2    1 
ATOM   288 O  "O5'"  . G   B 1 4 ? -9.985  1.808   -2.607  1.00 10.78 ? 2004 G   B "O5'"  1 
ATOM   289 C  "C5'"  . G   B 1 4 ? -10.438 0.578   -2.056  1.00 9.98  ? 2004 G   B "C5'"  1 
ATOM   290 C  "C4'"  . G   B 1 4 ? -10.885 0.785   -0.665  1.00 9.09  ? 2004 G   B "C4'"  1 
ATOM   291 O  "O4'"  . G   B 1 4 ? -9.724  1.030   0.190   1.00 8.41  ? 2004 G   B "O4'"  1 
ATOM   292 C  "C3'"  . G   B 1 4 ? -11.773 1.999   -0.364  1.00 8.66  ? 2004 G   B "C3'"  1 
ATOM   293 O  "O3'"  . G   B 1 4 ? -13.091 1.739   -0.811  1.00 9.32  ? 2004 G   B "O3'"  1 
ATOM   294 C  "C2'"  . G   B 1 4 ? -11.607 2.097   1.142   1.00 8.27  ? 2004 G   B "C2'"  1 
ATOM   295 O  "O2'"  . G   B 1 4 ? -12.365 1.062   1.776   1.00 9.29  ? 2004 G   B "O2'"  1 
ATOM   296 C  "C1'"  . G   B 1 4 ? -10.131 1.835   1.305   1.00 8.02  ? 2004 G   B "C1'"  1 
ATOM   297 N  N9     . G   B 1 4 ? -9.320  3.054   1.283   1.00 7.59  ? 2004 G   B N9     1 
ATOM   298 C  C8     . G   B 1 4 ? -8.585  3.591   0.237   1.00 7.84  ? 2004 G   B C8     1 
ATOM   299 N  N7     . G   B 1 4 ? -7.864  4.628   0.598   1.00 7.63  ? 2004 G   B N7     1 
ATOM   300 C  C5     . G   B 1 4 ? -8.112  4.760   1.954   1.00 7.19  ? 2004 G   B C5     1 
ATOM   301 C  C6     . G   B 1 4 ? -7.577  5.671   2.898   1.00 6.65  ? 2004 G   B C6     1 
ATOM   302 O  O6     . G   B 1 4 ? -6.756  6.573   2.706   1.00 7.04  ? 2004 G   B O6     1 
ATOM   303 N  N1     . G   B 1 4 ? -8.078  5.443   4.176   1.00 7.00  ? 2004 G   B N1     1 
ATOM   304 C  C2     . G   B 1 4 ? -9.056  4.511   4.499   1.00 7.03  ? 2004 G   B C2     1 
ATOM   305 N  N2     . G   B 1 4 ? -9.514  4.527   5.751   1.00 7.64  ? 2004 G   B N2     1 
ATOM   306 N  N3     . G   B 1 4 ? -9.550  3.647   3.615   1.00 7.19  ? 2004 G   B N3     1 
ATOM   307 C  C4     . G   B 1 4 ? -9.030  3.816   2.389   1.00 7.09  ? 2004 G   B C4     1 
ATOM   308 H  "H5'"  . G   B 1 4 ? -9.636  -0.159  -2.082  1.00 9.67  ? 2004 G   B "H5'"  1 
ATOM   309 H  "H5''" . G   B 1 4 ? -11.269 0.193   -2.650  1.00 9.67  ? 2004 G   B "H5''" 1 
ATOM   310 H  "H4'"  . G   B 1 4 ? -11.411 -0.120  -0.333  1.00 9.17  ? 2004 G   B "H4'"  1 
ATOM   311 H  "H3'"  . G   B 1 4 ? -11.356 2.899   -0.834  1.00 9.14  ? 2004 G   B "H3'"  1 
ATOM   312 H  "H2'"  . G   B 1 4 ? -11.871 3.092   1.512   1.00 9.27  ? 2004 G   B "H2'"  1 
ATOM   313 H  "H1'"  . G   B 1 4 ? -9.966  1.289   2.244   1.00 8.21  ? 2004 G   B "H1'"  1 
ATOM   314 H  H8     . G   B 1 4 ? -8.579  3.167   -0.756  1.00 8.86  ? 2004 G   B H8     1 
ATOM   315 H  H1     . G   B 1 4 ? -7.833  6.139   4.906   1.00 9.03  ? 2004 G   B H1     1 
ATOM   316 H  H21    . G   B 1 4 ? -9.109  5.154   6.428   1.00 9.03  ? 2004 G   B H21    1 
ATOM   317 H  H22    . G   B 1 4 ? -10.127 3.788   6.063   1.00 9.03  ? 2004 G   B H22    1 
ATOM   318 P  P      . G   B 1 5 ? -14.101 2.924   -1.158  1.00 9.75  ? 2005 G   B P      1 
ATOM   319 O  OP1    . G   B 1 5 ? -15.310 2.222   -1.712  1.00 10.99 ? 2005 G   B OP1    1 
ATOM   320 O  OP2    . G   B 1 5 ? -13.421 3.973   -1.939  1.00 11.68 ? 2005 G   B OP2    1 
ATOM   321 O  "O5'"  . G   B 1 5 ? -14.426 3.601   0.241   1.00 9.44  ? 2005 G   B "O5'"  1 
ATOM   322 C  "C5'"  . G   B 1 5 ? -15.259 2.856   1.167   1.00 9.04  ? 2005 G   B "C5'"  1 
ATOM   323 C  "C4'"  . G   B 1 5 ? -15.359 3.612   2.446   1.00 9.31  ? 2005 G   B "C4'"  1 
ATOM   324 O  "O4'"  . G   B 1 5 ? -14.071 3.677   3.105   1.00 9.15  ? 2005 G   B "O4'"  1 
ATOM   325 C  "C3'"  . G   B 1 5 ? -15.745 5.073   2.326   1.00 9.47  ? 2005 G   B "C3'"  1 
ATOM   326 O  "O3'"  . G   B 1 5 ? -17.143 5.176   2.058   1.00 11.10 ? 2005 G   B "O3'"  1 
ATOM   327 C  "C2'"  . G   B 1 5 ? -15.320 5.626   3.667   1.00 9.60  ? 2005 G   B "C2'"  1 
ATOM   328 O  "O2'"  . G   B 1 5 ? -16.203 5.230   4.710   1.00 12.05 ? 2005 G   B "O2'"  1 
ATOM   329 C  "C1'"  . G   B 1 5 ? -13.975 4.881   3.853   1.00 8.88  ? 2005 G   B "C1'"  1 
ATOM   330 N  N9     . G   B 1 5 ? -12.825 5.639   3.354   1.00 8.36  ? 2005 G   B N9     1 
ATOM   331 C  C8     . G   B 1 5 ? -12.313 5.674   2.082   1.00 8.37  ? 2005 G   B C8     1 
ATOM   332 N  N7     . G   B 1 5 ? -11.256 6.422   1.972   1.00 7.85  ? 2005 G   B N7     1 
ATOM   333 C  C5     . G   B 1 5 ? -11.069 6.944   3.251   1.00 7.90  ? 2005 G   B C5     1 
ATOM   334 C  C6     . G   B 1 5 ? -10.101 7.822   3.754   1.00 7.66  ? 2005 G   B C6     1 
ATOM   335 O  O6     . G   B 1 5 ? -9.123  8.308   3.138   1.00 7.86  ? 2005 G   B O6     1 
ATOM   336 N  N1     . G   B 1 5 ? -10.296 8.106   5.101   1.00 7.99  ? 2005 G   B N1     1 
ATOM   337 C  C2     . G   B 1 5 ? -11.335 7.590   5.883   1.00 8.37  ? 2005 G   B C2     1 
ATOM   338 N  N2     . G   B 1 5 ? -11.377 7.995   7.146   1.00 9.44  ? 2005 G   B N2     1 
ATOM   339 N  N3     . G   B 1 5 ? -12.236 6.747   5.417   1.00 8.43  ? 2005 G   B N3     1 
ATOM   340 C  C4     . G   B 1 5 ? -12.046 6.471   4.112   1.00 7.89  ? 2005 G   B C4     1 
ATOM   341 H  "H5'"  . G   B 1 5 ? -14.819 1.875   1.348   1.00 11.36 ? 2005 G   B "H5'"  1 
ATOM   342 H  "H5''" . G   B 1 5 ? -16.255 2.714   0.743   1.00 11.36 ? 2005 G   B "H5''" 1 
ATOM   343 H  "H4'"  . G   B 1 5 ? -16.089 3.112   3.093   1.00 11.93 ? 2005 G   B "H4'"  1 
ATOM   344 H  "H3'"  . G   B 1 5 ? -15.149 5.553   1.539   1.00 12.43 ? 2005 G   B "H3'"  1 
ATOM   345 H  "H2'"  . G   B 1 5 ? -15.166 6.710   3.624   1.00 13.26 ? 2005 G   B "H2'"  1 
ATOM   346 H  "H1'"  . G   B 1 5 ? -13.852 4.653   4.918   1.00 10.97 ? 2005 G   B "H1'"  1 
ATOM   347 H  H8     . G   B 1 5 ? -12.697 5.076   1.267   1.00 9.27  ? 2005 G   B H8     1 
ATOM   348 H  H1     . G   B 1 5 ? -9.626  8.760   5.551   1.00 10.31 ? 2005 G   B H1     1 
ATOM   349 H  H21    . G   B 1 5 ? -10.663 8.608   7.507   1.00 10.31 ? 2005 G   B H21    1 
ATOM   350 H  H22    . G   B 1 5 ? -12.081 7.626   7.770   1.00 10.31 ? 2005 G   B H22    1 
ATOM   351 P  P      . U   B 1 6 ? -17.719 6.448   1.252   0.88 10.90 ? 2006 U   B P      1 
ATOM   352 O  OP1    . U   B 1 6 ? -19.066 6.045   0.842   0.88 14.48 ? 2006 U   B OP1    1 
ATOM   353 O  OP2    . U   B 1 6 ? -16.728 6.895   0.218   0.88 14.08 ? 2006 U   B OP2    1 
ATOM   354 O  "O5'"  . U   B 1 6 ? -17.759 7.548   2.337   0.88 13.98 ? 2006 U   B "O5'"  1 
ATOM   355 C  "C5'"  . U   B 1 6 ? -18.593 7.343   3.455   0.88 22.23 ? 2006 U   B "C5'"  1 
ATOM   356 C  "C4'"  . U   B 1 6 ? -18.235 8.471   4.384   0.88 21.68 ? 2006 U   B "C4'"  1 
ATOM   357 O  "O4'"  . U   B 1 6 ? -16.805 8.437   4.596   0.88 15.93 ? 2006 U   B "O4'"  1 
ATOM   358 C  "C3'"  . U   B 1 6 ? -18.569 9.854   3.823   0.88 43.55 ? 2006 U   B "C3'"  1 
ATOM   359 O  "O3'"  . U   B 1 6 ? -19.444 10.574  4.680   0.88 40.47 ? 2006 U   B "O3'"  1 
ATOM   360 C  "C2'"  . U   B 1 6 ? -17.221 10.580  3.773   0.88 48.19 ? 2006 U   B "C2'"  1 
ATOM   361 O  "O2'"  . U   B 1 6 ? -17.253 11.902  4.242   0.88 51.84 ? 2006 U   B "O2'"  1 
ATOM   362 C  "C1'"  . U   B 1 6 ? -16.293 9.711   4.661   0.88 18.27 ? 2006 U   B "C1'"  1 
ATOM   363 N  N1     . U   B 1 6 ? -14.942 9.684   4.053   0.88 15.22 ? 2006 U   B N1     1 
ATOM   364 C  C2     . U   B 1 6 ? -13.890 10.270  4.764   0.88 16.58 ? 2006 U   B C2     1 
ATOM   365 O  O2     . U   B 1 6 ? -13.991 10.665  5.910   0.88 20.94 ? 2006 U   B O2     1 
ATOM   366 N  N3     . U   B 1 6 ? -12.700 10.345  4.083   0.88 14.93 ? 2006 U   B N3     1 
ATOM   367 C  C4     . U   B 1 6 ? -12.482 9.996   2.782   0.88 14.12 ? 2006 U   B C4     1 
ATOM   368 O  O4     . U   B 1 6 ? -11.389 10.235  2.298   0.88 14.64 ? 2006 U   B O4     1 
ATOM   369 C  C5     . U   B 1 6 ? -13.578 9.343   2.125   0.88 13.15 ? 2006 U   B C5     1 
ATOM   370 C  C6     . U   B 1 6 ? -14.755 9.246   2.751   0.88 15.33 ? 2006 U   B C6     1 
ATOM   371 H  "H5'"  . U   B 1 6 ? -18.415 6.376   3.926   0.88 25.36 ? 2006 U   B "H5'"  1 
ATOM   372 H  "H5''" . U   B 1 6 ? -19.638 7.414   3.154   0.88 25.36 ? 2006 U   B "H5''" 1 
ATOM   373 H  "H4'"  . U   B 1 6 ? -18.762 8.331   5.338   0.88 43.48 ? 2006 U   B "H4'"  1 
ATOM   374 H  "H3'"  . U   B 1 6 ? -18.988 9.769   2.811   0.88 43.84 ? 2006 U   B "H3'"  1 
ATOM   375 H  "H2'"  . U   B 1 6 ? -16.872 10.578  2.733   0.88 47.87 ? 2006 U   B "H2'"  1 
ATOM   376 H  "H1'"  . U   B 1 6 ? -16.292 10.087  5.693   0.88 48.18 ? 2006 U   B "H1'"  1 
ATOM   377 H  H3     . U   B 1 6 ? -11.943 10.803  4.616   0.88 18.90 ? 2006 U   B H3     1 
ATOM   378 H  H5     . U   B 1 6 ? -13.494 9.053   1.085   0.88 47.99 ? 2006 U   B H5     1 
ATOM   379 H  H6     . U   B 1 6 ? -15.597 8.852   2.198   0.88 47.99 ? 2006 U   B H6     1 
HETATM 380 SR SR     . SR  C 2 . ? 7.371   -3.986  7.754   0.25 6.99  ? 9001 SR  A SR     1 
HETATM 381 SR SR     . SR  D 2 . ? 2.788   0.257   6.408   0.25 5.99  ? 9002 SR  A SR     1 
HETATM 382 NA NA     A NA  E 3 . ? -14.336 16.106  1.382   0.08 9.91  ? 9003 NA  A NA     1 
HETATM 383 NA NA     B NA  E 3 . ? 10.690  -7.057  8.727   0.17 8.24  ? 9003 NA  A NA     1 
HETATM 384 SR SR     . SR  F 2 . ? 10.997  -9.151  -0.961  0.54 11.84 ? 9004 SR  A SR     1 
HETATM 385 SR SR     A SR  G 2 . ? 16.162  -5.345  -3.384  0.36 9.67  ? 9005 SR  A SR     1 
HETATM 386 SR SR     . SR  H 2 . ? -2.078  4.760   4.980   0.25 6.28  ? 2101 SR  B SR     1 
HETATM 387 SR SR     . SR  I 2 . ? -6.654  8.996   3.637   0.25 6.78  ? 2102 SR  B SR     1 
HETATM 388 NA NA     A NA  J 3 . ? -11.478 13.461  2.221   0.05 8.89  ? 2103 NA  B NA     1 
HETATM 389 NA NA     B NA  J 3 . ? -9.776  11.886  2.721   0.20 13.52 ? 2103 NA  B NA     1 
HETATM 390 CA CA     A CA  K 4 . ? -1.740  1.565   -8.216  0.59 10.40 ? 2104 CA  B CA     1 
HETATM 391 CA CA     A CA  L 4 . ? 6.272   4.763   -6.939  0.45 8.08  ? 2105 CA  B CA     1 
HETATM 392 O  O      B HOH M 5 . ? 15.660  -5.833  -3.641  0.64 16.48 ? 9101 HOH A O      1 
HETATM 393 O  O      . HOH M 5 . ? 9.783   -7.109  -5.326  1.00 41.91 ? 9102 HOH A O      1 
HETATM 394 O  O      . HOH M 5 . ? 10.346  -10.138 1.385   1.00 17.21 ? 9103 HOH A O      1 
HETATM 395 O  O      . HOH M 5 . ? 1.661   -1.557  -3.079  0.62 9.73  ? 9104 HOH A O      1 
HETATM 396 O  O      A HOH M 5 . ? 3.289   -8.048  1.161   0.77 12.03 ? 9105 HOH A O      1 
HETATM 397 O  O      B HOH M 5 . ? 2.814   -9.149  0.534   0.23 9.73  ? 9105 HOH A O      1 
HETATM 398 O  O      . HOH M 5 . ? -3.660  -9.007  -1.352  1.00 45.89 ? 9106 HOH A O      1 
HETATM 399 O  O      . HOH M 5 . ? -1.280  -4.443  -4.709  1.00 38.57 ? 9107 HOH A O      1 
HETATM 400 O  O      . HOH M 5 . ? 8.911   -7.723  -0.058  1.00 17.34 ? 9108 HOH A O      1 
HETATM 401 O  O      . HOH M 5 . ? 5.794   -8.075  0.103   1.00 10.06 ? 9109 HOH A O      1 
HETATM 402 O  O      . HOH M 5 . ? 10.574  -7.218  -2.402  1.00 16.41 ? 9110 HOH A O      1 
HETATM 403 O  O      . HOH M 5 . ? 11.835  -11.448 -0.712  0.48 15.13 ? 9111 HOH A O      1 
HETATM 404 O  O      . HOH M 5 . ? -10.718 -1.913  -4.660  0.46 18.18 ? 9112 HOH A O      1 
HETATM 405 O  O      . HOH M 5 . ? 7.424   -8.996  -3.364  0.52 29.16 ? 9113 HOH A O      1 
HETATM 406 O  O      A HOH M 5 . ? -11.597 -2.769  -2.739  0.37 14.40 ? 9114 HOH A O      1 
HETATM 407 O  O      B HOH M 5 . ? -12.824 -2.939  -2.958  0.63 24.95 ? 9114 HOH A O      1 
HETATM 408 O  O      . HOH M 5 . ? 14.212  -7.204  -3.403  1.00 20.50 ? 9115 HOH A O      1 
HETATM 409 O  O      . HOH M 5 . ? 16.038  -2.867  -4.246  0.50 47.45 ? 9116 HOH A O      1 
HETATM 410 O  O      . HOH M 5 . ? 2.135   -2.760  -5.892  1.00 18.81 ? 9117 HOH A O      1 
HETATM 411 O  O      . HOH M 5 . ? 1.536   -10.277 -1.536  0.50 10.63 ? 9118 HOH A O      1 
HETATM 412 O  O      . HOH M 5 . ? 6.092   -5.995  -6.438  0.41 18.03 ? 9119 HOH A O      1 
HETATM 413 O  O      . HOH M 5 . ? 13.791  -9.725  6.326   1.00 38.31 ? 9120 HOH A O      1 
HETATM 414 O  O      . HOH M 5 . ? 3.815   -4.842  -6.656  1.00 42.30 ? 9121 HOH A O      1 
HETATM 415 O  O      . HOH M 5 . ? 16.740  -0.573  -2.167  1.00 39.78 ? 9122 HOH A O      1 
HETATM 416 O  O      . HOH M 5 . ? 16.729  -8.966  4.632   1.00 58.55 ? 9123 HOH A O      1 
HETATM 417 O  O      . HOH M 5 . ? 9.048   -10.393 -1.748  0.14 11.05 ? 9124 HOH A O      1 
HETATM 418 O  O      A HOH M 5 . ? 11.546  -7.734  -4.291  0.15 11.25 ? 9125 HOH A O      1 
HETATM 419 O  O      B HOH M 5 . ? 10.026  -9.382  -4.307  0.35 47.69 ? 9125 HOH A O      1 
HETATM 420 O  O      . HOH M 5 . ? -14.262 -3.068  -4.992  0.26 13.64 ? 9126 HOH A O      1 
HETATM 421 O  O      . HOH N 5 . ? 13.136  -0.701  -3.380  1.00 25.12 ? 2201 HOH B O      1 
HETATM 422 O  O      . HOH N 5 . ? 11.122  -2.058  -5.718  1.00 21.62 ? 2202 HOH B O      1 
HETATM 423 O  O      B HOH N 5 . ? -2.124  0.508   -8.272  0.41 13.89 ? 2203 HOH B O      1 
HETATM 424 O  O      B HOH N 5 . ? 5.676   4.638   -7.148  0.55 7.86  ? 2204 HOH B O      1 
HETATM 425 O  O      . HOH N 5 . ? -3.595  6.217   -8.174  1.00 14.43 ? 2205 HOH B O      1 
HETATM 426 O  O      . HOH N 5 . ? -4.582  6.437   -4.503  1.00 10.60 ? 2206 HOH B O      1 
HETATM 427 O  O      A HOH N 5 . ? 8.044   3.728   -5.920  0.52 10.95 ? 2207 HOH B O      1 
HETATM 428 O  O      B HOH N 5 . ? 6.493   3.983   -7.024  0.48 18.69 ? 2207 HOH B O      1 
HETATM 429 O  O      A HOH N 5 . ? -12.662 6.402   -4.885  0.39 12.59 ? 2208 HOH B O      1 
HETATM 430 O  O      B HOH N 5 . ? -11.219 7.504   -4.425  0.61 28.76 ? 2208 HOH B O      1 
HETATM 431 O  O      . HOH N 5 . ? 7.854   1.306   -7.128  0.83 13.97 ? 2209 HOH B O      1 
HETATM 432 O  O      . HOH N 5 . ? -1.252  -0.248  -6.657  1.00 17.89 ? 2210 HOH B O      1 
HETATM 433 O  O      . HOH N 5 . ? -11.018 5.020   -2.887  1.00 14.56 ? 2211 HOH B O      1 
HETATM 434 O  O      A HOH N 5 . ? -3.152  -1.210  -2.563  0.62 10.75 ? 2212 HOH B O      1 
HETATM 435 O  O      B HOH N 5 . ? -2.953  -2.165  -3.376  0.38 13.67 ? 2212 HOH B O      1 
HETATM 436 O  O      . HOH N 5 . ? -21.506 6.801   0.345   1.00 13.47 ? 2213 HOH B O      1 
HETATM 437 O  O      . HOH N 5 . ? 7.445   6.342   -8.142  1.00 24.31 ? 2214 HOH B O      1 
HETATM 438 O  O      . HOH N 5 . ? -0.620  0.104   -10.139 1.00 26.70 ? 2215 HOH B O      1 
HETATM 439 O  O      . HOH N 5 . ? 11.089  0.280   -7.108  0.42 16.08 ? 2216 HOH B O      1 
HETATM 440 O  O      A HOH N 5 . ? -8.835  4.614   -6.637  0.45 22.28 ? 2217 HOH B O      1 
HETATM 441 O  O      B HOH N 5 . ? -8.515  6.338   -7.132  0.55 24.98 ? 2217 HOH B O      1 
HETATM 442 O  O      . HOH N 5 . ? -4.200  -2.393  -5.333  0.67 14.12 ? 2218 HOH B O      1 
HETATM 443 O  O      . HOH N 5 . ? 1.414   -0.313  -7.520  1.00 26.69 ? 2219 HOH B O      1 
HETATM 444 O  O      . HOH N 5 . ? -7.389  5.658   -4.316  0.32 10.64 ? 2220 HOH B O      1 
HETATM 445 O  O      . HOH N 5 . ? -1.892  8.914   -8.179  1.00 35.49 ? 2221 HOH B O      1 
HETATM 446 O  O      A HOH N 5 . ? -6.659  1.015   -7.894  0.37 12.65 ? 2222 HOH B O      1 
HETATM 447 O  O      B HOH N 5 . ? -6.158  2.037   -7.951  0.63 14.14 ? 2222 HOH B O      1 
HETATM 448 O  O      A HOH N 5 . ? 13.578  2.384   -3.486  0.77 12.48 ? 2223 HOH B O      1 
HETATM 449 O  O      B HOH N 5 . ? 12.645  2.033   -5.422  0.23 17.04 ? 2223 HOH B O      1 
HETATM 450 O  O      A HOH N 5 . ? 4.262   5.908   -7.746  0.29 10.22 ? 2224 HOH B O      1 
HETATM 451 O  O      B HOH N 5 . ? 4.625   6.316   -6.999  0.71 26.66 ? 2224 HOH B O      1 
HETATM 452 O  O      . HOH N 5 . ? -14.346 13.494  3.638   1.00 43.95 ? 2225 HOH B O      1 
HETATM 453 O  O      . HOH N 5 . ? -13.848 6.777   -0.869  1.00 26.66 ? 2226 HOH B O      1 
HETATM 454 O  O      . HOH N 5 . ? -12.735 1.558   -5.394  0.23 14.64 ? 2227 HOH B O      1 
HETATM 455 O  O      . HOH N 5 . ? -17.951 12.768  6.100   0.44 16.58 ? 2228 HOH B O      1 
# 
loop_
_atom_site_anisotrop.id 
_atom_site_anisotrop.type_symbol 
_atom_site_anisotrop.pdbx_label_atom_id 
_atom_site_anisotrop.pdbx_label_alt_id 
_atom_site_anisotrop.pdbx_label_comp_id 
_atom_site_anisotrop.pdbx_label_asym_id 
_atom_site_anisotrop.pdbx_label_seq_id 
_atom_site_anisotrop.pdbx_PDB_ins_code 
_atom_site_anisotrop.U[1][1] 
_atom_site_anisotrop.U[2][2] 
_atom_site_anisotrop.U[3][3] 
_atom_site_anisotrop.U[1][2] 
_atom_site_anisotrop.U[1][3] 
_atom_site_anisotrop.U[2][3] 
_atom_site_anisotrop.pdbx_auth_seq_id 
_atom_site_anisotrop.pdbx_auth_comp_id 
_atom_site_anisotrop.pdbx_auth_asym_id 
_atom_site_anisotrop.pdbx_auth_atom_id 
1   O  "O5'" . U   A 1 ? 0.1680 0.2032 0.1504 -0.0407 -0.0299 -0.0078 1001 U   A "O5'" 
2   C  "C5'" . U   A 1 ? 0.1363 0.1530 0.1220 0.0016  -0.0060 -0.0034 1001 U   A "C5'" 
3   C  "C4'" . U   A 1 ? 0.1188 0.1249 0.1233 -0.0018 -0.0055 -0.0057 1001 U   A "C4'" 
4   O  "O4'" . U   A 1 ? 0.1059 0.1362 0.1193 0.0158  -0.0105 -0.0039 1001 U   A "O4'" 
5   C  "C3'" . U   A 1 ? 0.1048 0.1107 0.1194 -0.0126 -0.0068 -0.0066 1001 U   A "C3'" 
6   O  "O3'" . U   A 1 ? 0.1072 0.1188 0.1412 -0.0016 -0.0087 -0.0227 1001 U   A "O3'" 
7   C  "C2'" . U   A 1 ? 0.1069 0.1287 0.1163 -0.0004 0.0034  -0.0068 1001 U   A "C2'" 
8   O  "O2'" . U   A 1 ? 0.0930 0.1135 0.1488 0.0027  -0.0102 -0.0181 1001 U   A "O2'" 
9   C  "C1'" . U   A 1 ? 0.1014 0.1292 0.1105 -0.0033 0.0046  0.0017  1001 U   A "C1'" 
10  N  N1    . U   A 1 ? 0.1054 0.1201 0.1184 0.0046  -0.0048 0.0009  1001 U   A N1    
11  C  C2    . U   A 1 ? 0.1153 0.1055 0.1269 0.0061  -0.0007 0.0127  1001 U   A C2    
12  O  O2    . U   A 1 ? 0.1586 0.0929 0.1259 -0.0119 -0.0312 0.0144  1001 U   A O2    
13  N  N3    . U   A 1 ? 0.1223 0.1118 0.1352 0.0031  0.0146  0.0055  1001 U   A N3    
14  C  C4    . U   A 1 ? 0.1114 0.1315 0.1647 -0.0081 0.0029  -0.0004 1001 U   A C4    
15  O  O4    . U   A 1 ? 0.1205 0.1990 0.2370 -0.0230 0.0273  -0.0275 1001 U   A O4    
16  C  C5    . U   A 1 ? 0.0918 0.1753 0.1614 0.0006  -0.0072 0.0010  1001 U   A C5    
17  C  C6    . U   A 1 ? 0.0922 0.1458 0.1537 -0.0022 -0.0204 -0.0058 1001 U   A C6    
27  P  P     . G   A 2 ? 0.1092 0.1126 0.1940 -0.0063 -0.0257 -0.0179 1002 G   A P     
28  O  OP1   . G   A 2 ? 0.1579 0.1436 0.2039 0.0162  -0.0335 -0.0613 1002 G   A OP1   
29  O  OP2   . G   A 2 ? 0.1230 0.1303 0.2756 -0.0308 -0.0224 0.0168  1002 G   A OP2   
30  O  "O5'" . G   A 2 ? 0.1150 0.1497 0.1832 -0.0076 -0.0104 -0.0022 1002 G   A "O5'" 
31  C  "C5'" . G   A 2 ? 0.1108 0.1186 0.1539 -0.0011 -0.0113 0.0011  1002 G   A "C5'" 
32  C  "C4'" . G   A 2 ? 0.1006 0.1066 0.1252 -0.0073 -0.0097 -0.0160 1002 G   A "C4'" 
33  O  "O4'" . G   A 2 ? 0.0999 0.1141 0.1052 0.0005  -0.0075 -0.0150 1002 G   A "O4'" 
34  C  "C3'" . G   A 2 ? 0.1147 0.1137 0.1135 0.0015  -0.0063 -0.0201 1002 G   A "C3'" 
35  O  "O3'" . G   A 2 ? 0.1145 0.1281 0.1246 0.0062  -0.0078 -0.0327 1002 G   A "O3'" 
36  C  "C2'" . G   A 2 ? 0.1092 0.1113 0.1019 -0.0024 -0.0064 -0.0120 1002 G   A "C2'" 
37  O  "O2'" . G   A 2 ? 0.1261 0.1446 0.0961 0.0061  -0.0044 -0.0090 1002 G   A "O2'" 
38  C  "C1'" . G   A 2 ? 0.0978 0.1022 0.0962 -0.0018 -0.0100 -0.0034 1002 G   A "C1'" 
39  N  N9    . G   A 2 ? 0.0906 0.0942 0.0926 0.0023  -0.0094 -0.0010 1002 G   A N9    
40  C  C8    . G   A 2 ? 0.0916 0.0937 0.0991 -0.0018 -0.0086 0.0003  1002 G   A C8    
41  N  N7    . G   A 2 ? 0.0892 0.0919 0.0923 0.0026  -0.0087 -0.0001 1002 G   A N7    
42  C  C5    . G   A 2 ? 0.0823 0.0803 0.0917 0.0085  -0.0066 0.0008  1002 G   A C5    
43  C  C6    . G   A 2 ? 0.0784 0.0764 0.0880 0.0107  -0.0041 -0.0001 1002 G   A C6    
44  O  O6    . G   A 2 ? 0.0767 0.0857 0.0780 0.0051  -0.0068 0.0016  1002 G   A O6    
45  N  N1    . G   A 2 ? 0.0793 0.0835 0.0865 0.0063  -0.0040 0.0026  1002 G   A N1    
46  C  C2    . G   A 2 ? 0.0867 0.0846 0.0846 0.0112  -0.0022 0.0024  1002 G   A C2    
47  N  N2    . G   A 2 ? 0.0901 0.0953 0.0823 0.0080  0.0000  0.0043  1002 G   A N2    
48  N  N3    . G   A 2 ? 0.0884 0.0910 0.0862 0.0076  -0.0038 -0.0005 1002 G   A N3    
49  C  C4    . G   A 2 ? 0.0846 0.0815 0.0905 0.0098  -0.0129 0.0008  1002 G   A C4    
60  P  P     . G   A 3 ? 0.1198 0.1115 0.1348 0.0053  0.0025  -0.0168 1003 G   A P     
61  O  OP1   . G   A 3 ? 0.1560 0.1379 0.1628 -0.0040 0.0189  -0.0520 1003 G   A OP1   
62  O  OP2   . G   A 3 ? 0.1274 0.1257 0.1428 0.0075  0.0107  0.0147  1003 G   A OP2   
63  O  "O5'" . G   A 3 ? 0.1228 0.1200 0.1104 0.0028  -0.0048 -0.0061 1003 G   A "O5'" 
64  C  "C5'" . G   A 3 ? 0.1163 0.1303 0.1005 0.0094  -0.0031 -0.0062 1003 G   A "C5'" 
65  C  "C4'" . G   A 3 ? 0.1189 0.1122 0.0928 0.0126  -0.0034 -0.0106 1003 G   A "C4'" 
66  O  "O4'" . G   A 3 ? 0.1192 0.1073 0.0934 0.0172  -0.0049 -0.0087 1003 G   A "O4'" 
67  C  "C3'" . G   A 3 ? 0.1198 0.1114 0.1022 0.0163  -0.0022 -0.0159 1003 G   A "C3'" 
68  O  "O3'" . G   A 3 ? 0.1172 0.1267 0.1014 0.0236  0.0092  -0.0063 1003 G   A "O3'" 
69  C  "C2'" . G   A 3 ? 0.1110 0.1030 0.0979 0.0242  -0.0017 -0.0055 1003 G   A "C2'" 
70  O  "O2'" . G   A 3 ? 0.1220 0.1195 0.1041 0.0246  -0.0032 -0.0091 1003 G   A "O2'" 
71  C  "C1'" . G   A 3 ? 0.1026 0.1147 0.0825 0.0144  0.0019  -0.0096 1003 G   A "C1'" 
72  N  N9    . G   A 3 ? 0.0926 0.1001 0.0860 0.0046  0.0002  -0.0056 1003 G   A N9    
73  C  C8    . G   A 3 ? 0.0938 0.0944 0.0937 0.0036  -0.0018 -0.0032 1003 G   A C8    
74  N  N7    . G   A 3 ? 0.0858 0.0865 0.0893 0.0065  -0.0031 -0.0009 1003 G   A N7    
75  C  C5    . G   A 3 ? 0.0863 0.0777 0.0886 0.0154  0.0005  0.0024  1003 G   A C5    
76  C  C6    . G   A 3 ? 0.0785 0.0772 0.0868 0.0153  -0.0056 -0.0004 1003 G   A C6    
77  O  O6    . G   A 3 ? 0.0846 0.0786 0.0815 0.0087  0.0020  -0.0028 1003 G   A O6    
78  N  N1    . G   A 3 ? 0.0872 0.0805 0.0817 0.0091  -0.0002 -0.0017 1003 G   A N1    
79  C  C2    . G   A 3 ? 0.0815 0.0883 0.0863 0.0165  0.0026  0.0006  1003 G   A C2    
80  N  N2    . G   A 3 ? 0.0834 0.1015 0.0889 0.0002  0.0057  -0.0030 1003 G   A N2    
81  N  N3    . G   A 3 ? 0.0863 0.0919 0.0927 0.0113  0.0017  -0.0040 1003 G   A N3    
82  C  C4    . G   A 3 ? 0.0891 0.0844 0.0824 0.0154  -0.0003 -0.0062 1003 G   A C4    
93  P  P     . G   A 4 ? 0.1275 0.1362 0.1146 0.0336  0.0079  -0.0079 1004 G   A P     
94  O  OP1   . G   A 4 ? 0.1671 0.1779 0.1165 0.0325  0.0341  -0.0240 1004 G   A OP1   
95  O  OP2   . G   A 4 ? 0.1500 0.1415 0.1501 0.0382  0.0016  -0.0050 1004 G   A OP2   
96  O  "O5'" . G   A 4 ? 0.1154 0.1358 0.1109 0.0293  0.0063  0.0058  1004 G   A "O5'" 
97  C  "C5'" . G   A 4 ? 0.1243 0.1410 0.0999 0.0333  0.0126  0.0051  1004 G   A "C5'" 
98  C  "C4'" . G   A 4 ? 0.1085 0.1476 0.0994 0.0304  0.0122  0.0040  1004 G   A "C4'" 
99  O  "O4'" . G   A 4 ? 0.1046 0.1328 0.0952 0.0285  0.0056  0.0082  1004 G   A "O4'" 
100 C  "C3'" . G   A 4 ? 0.0936 0.1449 0.1107 0.0240  0.0216  0.0111  1004 G   A "C3'" 
101 O  "O3'" . G   A 4 ? 0.1141 0.1585 0.1331 0.0373  0.0300  0.0194  1004 G   A "O3'" 
102 C  "C2'" . G   A 4 ? 0.0965 0.1342 0.1186 0.0079  0.0156  0.0228  1004 G   A "C2'" 
103 O  "O2'" . G   A 4 ? 0.1125 0.1553 0.1490 0.0027  0.0163  0.0375  1004 G   A "O2'" 
104 C  "C1'" . G   A 4 ? 0.1040 0.1199 0.1009 0.0136  0.0080  0.0162  1004 G   A "C1'" 
105 N  N9    . G   A 4 ? 0.0920 0.1065 0.0949 0.0161  0.0035  0.0056  1004 G   A N9    
106 C  C8    . G   A 4 ? 0.0941 0.1027 0.0918 0.0211  0.0054  0.0038  1004 G   A C8    
107 N  N7    . G   A 4 ? 0.0967 0.0938 0.0948 0.0127  -0.0007 0.0003  1004 G   A N7    
108 C  C5    . G   A 4 ? 0.0864 0.0816 0.1083 0.0167  -0.0019 0.0042  1004 G   A C5    
109 C  C6    . G   A 4 ? 0.0782 0.0823 0.0961 0.0087  0.0003  0.0080  1004 G   A C6    
110 O  O6    . G   A 4 ? 0.0879 0.0859 0.0933 0.0064  0.0002  0.0035  1004 G   A O6    
111 N  N1    . G   A 4 ? 0.0860 0.0864 0.0967 0.0038  0.0024  0.0029  1004 G   A N1    
112 C  C2    . G   A 4 ? 0.0859 0.0849 0.1060 0.0071  -0.0002 0.0047  1004 G   A C2    
113 N  N2    . G   A 4 ? 0.0940 0.0949 0.1148 0.0026  0.0010  0.0023  1004 G   A N2    
114 N  N3    . G   A 4 ? 0.0856 0.0980 0.1070 0.0078  0.0055  0.0020  1004 G   A N3    
115 C  C4    . G   A 4 ? 0.0872 0.0996 0.0952 0.0103  0.0051  0.0059  1004 G   A C4    
126 P  P     . G   A 5 ? 0.1089 0.1630 0.1396 0.0346  0.0049  -0.0029 1005 G   A P     
127 O  OP1   . G   A 5 ? 0.1237 0.2015 0.1509 0.0420  0.0185  -0.0202 1005 G   A OP1   
128 O  OP2   . G   A 5 ? 0.1379 0.1620 0.1818 0.0186  -0.0260 0.0219  1005 G   A OP2   
129 O  "O5'" . G   A 5 ? 0.1179 0.1695 0.1489 0.0226  0.0197  -0.0005 1005 G   A "O5'" 
130 C  "C5'" . G   A 5 ? 0.1094 0.1951 0.1381 0.0053  0.0212  -0.0096 1005 G   A "C5'" 
131 C  "C4'" . G   A 5 ? 0.1040 0.1978 0.1402 0.0081  0.0214  -0.0047 1005 G   A "C4'" 
132 O  "O4'" . G   A 5 ? 0.1078 0.1770 0.1180 0.0098  0.0187  0.0051  1005 G   A "O4'" 
133 C  "C3'" . G   A 5 ? 0.0958 0.2283 0.1503 0.0369  0.0173  -0.0085 1005 G   A "C3'" 
134 O  "O3'" A G   A 5 ? 0.1006 0.3081 0.1738 0.0979  0.0082  0.0509  1005 G   A "O3'" 
135 O  "O3'" B G   A 5 ? 0.1076 0.2212 0.1294 0.0273  0.0110  -0.0149 1005 G   A "O3'" 
136 C  "C2'" . G   A 5 ? 0.1067 0.2273 0.1563 0.0063  0.0078  0.0136  1005 G   A "C2'" 
137 O  "O2'" . G   A 5 ? 0.1025 0.2961 0.1614 -0.0092 0.0056  0.0059  1005 G   A "O2'" 
138 C  "C1'" . G   A 5 ? 0.0930 0.1829 0.1281 -0.0002 0.0056  0.0105  1005 G   A "C1'" 
139 N  N9    . G   A 5 ? 0.0985 0.1388 0.1273 0.0078  0.0135  0.0032  1005 G   A N9    
140 C  C8    . G   A 5 ? 0.0969 0.1381 0.1156 0.0169  0.0065  0.0023  1005 G   A C8    
141 N  N7    . G   A 5 ? 0.0972 0.1151 0.1170 0.0258  0.0067  -0.0013 1005 G   A N7    
142 C  C5    . G   A 5 ? 0.0932 0.1092 0.1153 0.0230  0.0030  -0.0006 1005 G   A C5    
143 C  C6    . G   A 5 ? 0.0879 0.0958 0.1170 0.0169  -0.0017 -0.0023 1005 G   A C6    
144 O  O6    . G   A 5 ? 0.0820 0.1047 0.1149 0.0111  0.0037  -0.0019 1005 G   A O6    
145 N  N1    . G   A 5 ? 0.0821 0.1089 0.1194 0.0114  0.0032  -0.0051 1005 G   A N1    
146 C  C2    . G   A 5 ? 0.0894 0.1165 0.1276 0.0062  0.0002  -0.0067 1005 G   A C2    
147 N  N2    . G   A 5 ? 0.0901 0.1330 0.1437 -0.0044 0.0008  -0.0160 1005 G   A N2    
148 N  N3    . G   A 5 ? 0.0877 0.1308 0.1354 -0.0001 0.0079  0.0014  1005 G   A N3    
149 C  C4    . G   A 5 ? 0.0902 0.1179 0.1208 0.0106  0.0092  -0.0053 1005 G   A C4    
161 P  P     B U   A 6 ? 0.1207 0.1956 0.1331 0.0393  0.0003  -0.0162 1006 U   A P     
163 O  OP1   B U   A 6 ? 0.1246 0.2199 0.1845 0.0615  0.0302  -0.0022 1006 U   A OP1   
164 O  OP2   A U   A 6 ? 0.1964 0.9887 0.3763 0.3582  -0.0150 0.0288  1006 U   A OP2   
165 O  OP2   B U   A 6 ? 0.1494 0.2187 0.1099 0.0327  -0.0122 -0.0132 1006 U   A OP2   
166 O  "O5'" A U   A 6 ? 0.0910 0.2467 0.1073 0.0359  -0.0315 -0.0007 1006 U   A "O5'" 
167 O  "O5'" B U   A 6 ? 0.2473 0.1883 0.2360 0.0961  0.1218  0.0219  1006 U   A "O5'" 
168 C  "C5'" . U   A 6 ? 0.1703 0.2325 0.1481 0.1090  0.0206  -0.0020 1006 U   A "C5'" 
169 C  "C4'" . U   A 6 ? 0.1634 0.2048 0.1072 0.0847  0.0101  -0.0157 1006 U   A "C4'" 
170 O  "O4'" . U   A 6 ? 0.1913 0.2130 0.1172 0.1065  0.0032  -0.0099 1006 U   A "O4'" 
171 C  "C3'" . U   A 6 ? 0.1659 0.2531 0.0979 0.0768  0.0060  -0.0035 1006 U   A "C3'" 
172 O  "O3'" . U   A 6 ? 0.2204 0.2296 0.1195 0.0983  -0.0228 -0.0395 1006 U   A "O3'" 
173 C  "C2'" . U   A 6 ? 0.1406 0.1552 0.1118 0.0582  0.0123  0.0015  1006 U   A "C2'" 
174 O  "O2'" . U   A 6 ? 0.1432 0.1618 0.1233 0.0441  -0.0042 -0.0091 1006 U   A "O2'" 
175 C  "C1'" . U   A 6 ? 0.1741 0.1603 0.1049 0.0648  -0.0002 -0.0042 1006 U   A "C1'" 
176 N  N1    . U   A 6 ? 0.1502 0.1278 0.1042 0.0302  0.0041  -0.0147 1006 U   A N1    
177 C  C2    . U   A 6 ? 0.1704 0.1124 0.1042 0.0106  0.0103  -0.0016 1006 U   A C2    
178 O  O2    . U   A 6 ? 0.2295 0.1310 0.1236 -0.0277 0.0224  -0.0121 1006 U   A O2    
179 N  N3    . U   A 6 ? 0.1442 0.1140 0.0995 0.0071  0.0033  -0.0007 1006 U   A N3    
180 C  C4    . U   A 6 ? 0.1187 0.0979 0.1104 0.0125  0.0019  0.0057  1006 U   A C4    
181 O  O4    . U   A 6 ? 0.1275 0.1107 0.1008 0.0022  0.0127  -0.0051 1006 U   A O4    
182 C  C5    . U   A 6 ? 0.1321 0.1344 0.1068 0.0171  0.0103  0.0010  1006 U   A C5    
183 C  C6    . U   A 6 ? 0.1312 0.1554 0.1095 0.0218  0.0235  -0.0001 1006 U   A C6    
193 O  "O5'" . U   B 1 ? 0.1388 0.1584 0.1342 0.0128  0.0048  -0.0096 2001 U   B "O5'" 
194 C  "C5'" . U   B 1 ? 0.1262 0.1372 0.1172 0.0116  -0.0043 -0.0139 2001 U   B "C5'" 
195 C  "C4'" . U   B 1 ? 0.1172 0.1207 0.1166 0.0193  -0.0107 -0.0053 2001 U   B "C4'" 
196 O  "O4'" . U   B 1 ? 0.1165 0.1126 0.1132 0.0186  -0.0066 0.0051  2001 U   B "O4'" 
197 C  "C3'" . U   B 1 ? 0.1062 0.1286 0.0988 0.0219  -0.0010 0.0070  2001 U   B "C3'" 
198 O  "O3'" . U   B 1 ? 0.1214 0.1446 0.0997 0.0356  0.0026  0.0151  2001 U   B "O3'" 
199 C  "C2'" . U   B 1 ? 0.1005 0.1278 0.0974 0.0218  0.0024  0.0048  2001 U   B "C2'" 
200 O  "O2'" . U   B 1 ? 0.1124 0.1555 0.0982 0.0220  0.0062  0.0084  2001 U   B "O2'" 
201 C  "C1'" . U   B 1 ? 0.1020 0.1157 0.1052 0.0144  0.0013  0.0042  2001 U   B "C1'" 
202 N  N1    . U   B 1 ? 0.1123 0.1228 0.0975 0.0172  0.0081  0.0041  2001 U   B N1    
203 C  C2    . U   B 1 ? 0.1134 0.1067 0.1003 0.0077  0.0059  0.0080  2001 U   B C2    
204 O  O2    . U   B 1 ? 0.1293 0.1165 0.0967 0.0072  0.0120  0.0053  2001 U   B O2    
205 N  N3    . U   B 1 ? 0.1178 0.1228 0.1096 0.0064  0.0073  0.0016  2001 U   B N3    
206 C  C4    . U   B 1 ? 0.1182 0.1517 0.1219 -0.0002 0.0144  0.0011  2001 U   B C4    
207 O  O4    . U   B 1 ? 0.1260 0.1981 0.1623 -0.0274 0.0171  -0.0128 2001 U   B O4    
208 C  C5    . U   B 1 ? 0.1232 0.1645 0.1159 0.0102  0.0144  -0.0059 2001 U   B C5    
209 C  C6    . U   B 1 ? 0.1207 0.1357 0.0955 0.0116  0.0052  0.0037  2001 U   B C6    
219 P  P     . G   B 2 ? 0.1326 0.1585 0.1060 0.0387  0.0168  0.0312  2002 G   B P     
220 O  OP1   . G   B 2 ? 0.1493 0.2297 0.0877 0.0585  0.0016  0.0202  2002 G   B OP1   
221 O  OP2   . G   B 2 ? 0.1296 0.1863 0.1669 0.0293  0.0435  0.0691  2002 G   B OP2   
222 O  "O5'" . G   B 2 ? 0.1162 0.1294 0.1307 0.0210  0.0149  0.0187  2002 G   B "O5'" 
223 C  "C5'" . G   B 2 ? 0.1178 0.1163 0.1200 0.0215  0.0025  0.0168  2002 G   B "C5'" 
224 C  "C4'" . G   B 2 ? 0.1073 0.1170 0.0889 0.0171  -0.0008 0.0037  2002 G   B "C4'" 
225 O  "O4'" . G   B 2 ? 0.0976 0.1130 0.0847 0.0160  0.0012  0.0063  2002 G   B "O4'" 
226 C  "C3'" . G   B 2 ? 0.1090 0.1147 0.0838 0.0233  -0.0094 -0.0066 2002 G   B "C3'" 
227 O  "O3'" . G   B 2 ? 0.1163 0.1258 0.0940 0.0208  -0.0091 -0.0063 2002 G   B "O3'" 
228 C  "C2'" . G   B 2 ? 0.1076 0.1082 0.0909 0.0111  -0.0068 -0.0050 2002 G   B "C2'" 
229 O  "O2'" . G   B 2 ? 0.1211 0.1203 0.1036 0.0077  -0.0141 -0.0115 2002 G   B "O2'" 
230 C  "C1'" . G   B 2 ? 0.0984 0.1079 0.0841 0.0096  0.0024  -0.0061 2002 G   B "C1'" 
231 N  N9    . G   B 2 ? 0.0938 0.0961 0.0835 0.0123  0.0019  0.0018  2002 G   B N9    
232 C  C8    . G   B 2 ? 0.0883 0.0982 0.0847 0.0061  0.0034  0.0023  2002 G   B C8    
233 N  N7    . G   B 2 ? 0.0889 0.0911 0.0912 0.0055  0.0001  0.0033  2002 G   B N7    
234 C  C5    . G   B 2 ? 0.0814 0.0816 0.0906 0.0120  -0.0056 0.0023  2002 G   B C5    
235 C  C6    . G   B 2 ? 0.0807 0.0847 0.0798 0.0167  -0.0079 0.0020  2002 G   B C6    
236 O  O6    . G   B 2 ? 0.0859 0.0852 0.0852 0.0057  0.0002  0.0006  2002 G   B O6    
237 N  N1    . G   B 2 ? 0.0804 0.0817 0.0846 0.0117  -0.0052 0.0007  2002 G   B N1    
238 C  C2    . G   B 2 ? 0.0857 0.0809 0.0877 0.0078  -0.0097 -0.0061 2002 G   B C2    
239 N  N2    . G   B 2 ? 0.0899 0.0901 0.0988 -0.0035 -0.0018 -0.0040 2002 G   B N2    
240 N  N3    . G   B 2 ? 0.0877 0.0892 0.0901 0.0088  -0.0034 -0.0065 2002 G   B N3    
241 C  C4    . G   B 2 ? 0.0881 0.0869 0.0785 0.0142  -0.0038 -0.0017 2002 G   B C4    
252 P  P     . G   B 3 ? 0.1130 0.1175 0.1004 0.0165  -0.0145 -0.0003 2003 G   B P     
253 O  OP1   . G   B 3 ? 0.1311 0.1408 0.1025 0.0190  -0.0185 0.0024  2003 G   B OP1   
254 O  OP2   . G   B 3 ? 0.1217 0.1114 0.1306 0.0158  -0.0159 -0.0136 2003 G   B OP2   
255 O  "O5'" . G   B 3 ? 0.1146 0.1227 0.1033 0.0028  -0.0046 -0.0084 2003 G   B "O5'" 
256 C  "C5'" . G   B 3 ? 0.1115 0.1178 0.1145 0.0055  -0.0105 -0.0072 2003 G   B "C5'" 
257 C  "C4'" . G   B 3 ? 0.1077 0.1479 0.1048 0.0015  -0.0008 -0.0139 2003 G   B "C4'" 
258 O  "O4'" . G   B 3 ? 0.1257 0.1218 0.0984 -0.0022 -0.0033 -0.0058 2003 G   B "O4'" 
259 C  "C3'" . G   B 3 ? 0.1224 0.1510 0.0985 0.0103  -0.0104 -0.0041 2003 G   B "C3'" 
260 O  "O3'" . G   B 3 ? 0.1175 0.1644 0.1142 -0.0160 -0.0093 -0.0032 2003 G   B "O3'" 
261 C  "C2'" . G   B 3 ? 0.1104 0.1494 0.0998 0.0155  -0.0138 0.0015  2003 G   B "C2'" 
262 O  "O2'" . G   B 3 ? 0.1204 0.1839 0.1152 0.0285  -0.0041 -0.0114 2003 G   B "O2'" 
263 C  "C1'" . G   B 3 ? 0.1033 0.1368 0.1059 -0.0026 -0.0096 -0.0109 2003 G   B "C1'" 
264 N  N9    . G   B 3 ? 0.0982 0.1197 0.0991 -0.0061 -0.0080 -0.0090 2003 G   B N9    
265 C  C8    . G   B 3 ? 0.1061 0.1168 0.1009 0.0028  -0.0120 -0.0032 2003 G   B C8    
266 N  N7    . G   B 3 ? 0.0920 0.1020 0.0882 0.0147  -0.0056 0.0007  2003 G   B N7    
267 C  C5    . G   B 3 ? 0.0843 0.1011 0.0949 0.0143  -0.0078 0.0055  2003 G   B C5    
268 C  C6    . G   B 3 ? 0.0814 0.0861 0.0974 0.0113  -0.0078 0.0032  2003 G   B C6    
269 O  O6    . G   B 3 ? 0.0894 0.0897 0.0921 0.0068  -0.0095 0.0075  2003 G   B O6    
270 N  N1    . G   B 3 ? 0.0797 0.0942 0.0993 0.0074  -0.0124 0.0022  2003 G   B N1    
271 C  C2    . G   B 3 ? 0.0756 0.0961 0.1114 0.0085  -0.0086 0.0061  2003 G   B C2    
272 N  N2    . G   B 3 ? 0.0879 0.1007 0.1192 -0.0008 -0.0117 0.0083  2003 G   B N2    
273 N  N3    . G   B 3 ? 0.0927 0.1135 0.1031 0.0026  -0.0099 -0.0028 2003 G   B N3    
274 C  C4    . G   B 3 ? 0.0892 0.1020 0.1012 0.0044  -0.0026 -0.0088 2003 G   B C4    
285 P  P     . G   B 4 ? 0.1244 0.2058 0.1165 -0.0040 -0.0103 0.0087  2004 G   B P     
286 O  OP1   . G   B 4 ? 0.1389 0.3224 0.1320 -0.0229 -0.0375 -0.0318 2004 G   B OP1   
287 O  OP2   . G   B 4 ? 0.1419 0.2104 0.1721 0.0207  0.0028  0.0695  2004 G   B OP2   
288 O  "O5'" . G   B 4 ? 0.1321 0.1595 0.1179 0.0056  -0.0042 0.0005  2004 G   B "O5'" 
289 C  "C5'" . G   B 4 ? 0.1139 0.1396 0.1257 -0.0083 -0.0137 -0.0132 2004 G   B "C5'" 
290 C  "C4'" . G   B 4 ? 0.1045 0.1219 0.1187 -0.0110 -0.0174 -0.0099 2004 G   B "C4'" 
291 O  "O4'" . G   B 4 ? 0.0990 0.1072 0.1132 -0.0006 -0.0105 -0.0119 2004 G   B "O4'" 
292 C  "C3'" . G   B 4 ? 0.0910 0.1184 0.1193 -0.0077 -0.0173 0.0004  2004 G   B "C3'" 
293 O  "O3'" . G   B 4 ? 0.0943 0.1302 0.1293 -0.0096 -0.0172 -0.0031 2004 G   B "O3'" 
294 C  "C2'" . G   B 4 ? 0.0957 0.1023 0.1160 -0.0083 -0.0025 0.0009  2004 G   B "C2'" 
295 O  "O2'" . G   B 4 ? 0.1062 0.1203 0.1263 -0.0153 -0.0057 0.0086  2004 G   B "O2'" 
296 C  "C1'" . G   B 4 ? 0.0993 0.0992 0.1062 -0.0048 -0.0059 0.0000  2004 G   B "C1'" 
297 N  N9    . G   B 4 ? 0.0909 0.0992 0.0982 0.0000  -0.0084 -0.0026 2004 G   B N9    
298 C  C8    . G   B 4 ? 0.0902 0.1078 0.0996 -0.0001 -0.0047 -0.0005 2004 G   B C8    
299 N  N7    . G   B 4 ? 0.0947 0.1067 0.0885 -0.0028 -0.0005 -0.0005 2004 G   B N7    
300 C  C5    . G   B 4 ? 0.0805 0.0911 0.1015 -0.0018 -0.0012 0.0013  2004 G   B C5    
301 C  C6    . G   B 4 ? 0.0816 0.0819 0.0889 0.0076  -0.0027 0.0016  2004 G   B C6    
302 O  O6    . G   B 4 ? 0.0809 0.0849 0.1015 0.0016  -0.0005 -0.0032 2004 G   B O6    
303 N  N1    . G   B 4 ? 0.0853 0.0883 0.0925 0.0025  -0.0025 -0.0033 2004 G   B N1    
304 C  C2    . G   B 4 ? 0.0836 0.0844 0.0987 0.0101  -0.0063 0.0033  2004 G   B C2    
305 N  N2    . G   B 4 ? 0.0981 0.0974 0.0947 0.0016  0.0009  0.0009  2004 G   B N2    
306 N  N3    . G   B 4 ? 0.0852 0.0902 0.0977 0.0038  -0.0033 0.0016  2004 G   B N3    
307 C  C4    . G   B 4 ? 0.0857 0.0877 0.0958 0.0055  -0.0114 -0.0034 2004 G   B C4    
318 P  P     . G   B 5 ? 0.1084 0.1381 0.1239 -0.0065 -0.0175 0.0133  2005 G   B P     
319 O  OP1   . G   B 5 ? 0.1146 0.1632 0.1399 -0.0178 -0.0297 0.0048  2005 G   B OP1   
320 O  OP2   . G   B 5 ? 0.1323 0.1649 0.1466 -0.0146 -0.0051 0.0298  2005 G   B OP2   
321 O  "O5'" . G   B 5 ? 0.1082 0.1127 0.1374 -0.0115 -0.0149 0.0118  2005 G   B "O5'" 
322 C  "C5'" . G   B 5 ? 0.0908 0.1157 0.1366 -0.0177 -0.0122 0.0156  2005 G   B "C5'" 
323 C  "C4'" . G   B 5 ? 0.0940 0.1237 0.1361 -0.0149 -0.0123 0.0151  2005 G   B "C4'" 
324 O  "O4'" . G   B 5 ? 0.1026 0.1106 0.1345 -0.0093 -0.0118 0.0055  2005 G   B "O4'" 
325 C  "C3'" . G   B 5 ? 0.0879 0.1176 0.1541 -0.0047 -0.0063 0.0120  2005 G   B "C3'" 
326 O  "O3'" . G   B 5 ? 0.0903 0.1267 0.2047 0.0011  -0.0207 0.0221  2005 G   B "O3'" 
327 C  "C2'" . G   B 5 ? 0.0887 0.1291 0.1470 0.0017  0.0082  0.0066  2005 G   B "C2'" 
328 O  "O2'" . G   B 5 ? 0.1070 0.1854 0.1654 -0.0089 0.0230  0.0058  2005 G   B "O2'" 
329 C  "C1'" . G   B 5 ? 0.0986 0.1177 0.1209 -0.0066 -0.0049 0.0031  2005 G   B "C1'" 
330 N  N9    . G   B 5 ? 0.0903 0.1089 0.1181 -0.0015 -0.0020 -0.0001 2005 G   B N9    
331 C  C8    . G   B 5 ? 0.0907 0.1100 0.1171 -0.0003 -0.0093 0.0007  2005 G   B C8    
332 N  N7    . G   B 5 ? 0.0889 0.1043 0.1049 0.0037  -0.0047 0.0035  2005 G   B N7    
333 C  C5    . G   B 5 ? 0.0826 0.1054 0.1121 0.0076  -0.0005 0.0024  2005 G   B C5    
334 C  C6    . G   B 5 ? 0.0831 0.0946 0.1129 0.0037  0.0026  0.0002  2005 G   B C6    
335 O  O6    . G   B 5 ? 0.0843 0.1098 0.1044 0.0064  -0.0020 -0.0032 2005 G   B O6    
336 N  N1    . G   B 5 ? 0.0862 0.1037 0.1135 0.0047  0.0059  -0.0060 2005 G   B N1    
337 C  C2    . G   B 5 ? 0.0936 0.1119 0.1124 -0.0016 0.0083  -0.0069 2005 G   B C2    
338 N  N2    . G   B 5 ? 0.0982 0.1440 0.1162 -0.0151 0.0141  -0.0097 2005 G   B N2    
339 N  N3    . G   B 5 ? 0.0938 0.1152 0.1113 -0.0002 0.0073  0.0006  2005 G   B N3    
340 C  C4    . G   B 5 ? 0.0803 0.1036 0.1157 0.0035  -0.0089 -0.0003 2005 G   B C4    
351 P  P     . U   B 6 ? 0.1067 0.1105 0.1970 0.0032  -0.0267 0.0121  2006 U   B P     
352 O  OP1   . U   B 6 ? 0.1294 0.1293 0.2911 0.0048  -0.0754 0.0326  2006 U   B OP1   
353 O  OP2   . U   B 6 ? 0.1531 0.1738 0.2079 0.0136  0.0034  0.0662  2006 U   B OP2   
354 O  "O5'" . U   B 6 ? 0.1513 0.1565 0.2235 0.0277  -0.0014 -0.0276 2006 U   B "O5'" 
355 C  "C5'" . U   B 6 ? 0.1379 0.3896 0.3170 0.0346  0.0272  -0.0186 2006 U   B "C5'" 
356 C  "C4'" . U   B 6 ? 0.1819 0.3783 0.2633 0.1318  -0.0631 -0.0745 2006 U   B "C4'" 
357 O  "O4'" . U   B 6 ? 0.1706 0.1635 0.2708 0.0541  -0.0043 -0.0238 2006 U   B "O4'" 
362 C  "C1'" . U   B 6 ? 0.2689 0.1723 0.2530 0.0274  0.1055  -0.0222 2006 U   B "C1'" 
363 N  N1    . U   B 6 ? 0.2266 0.1534 0.1979 0.0601  0.0286  0.0038  2006 U   B N1    
364 C  C2    . U   B 6 ? 0.2594 0.1816 0.1890 0.0511  0.0319  -0.0366 2006 U   B C2    
365 O  O2    . U   B 6 ? 0.4127 0.1727 0.2102 0.0049  0.0798  -0.0205 2006 U   B O2    
366 N  N3    . U   B 6 ? 0.2246 0.1455 0.1970 0.0360  0.0184  0.0062  2006 U   B N3    
367 C  C4    . U   B 6 ? 0.1957 0.1384 0.2022 0.0622  0.0013  0.0057  2006 U   B C4    
368 O  O4    . U   B 6 ? 0.1788 0.1385 0.2388 0.0440  0.0133  0.0289  2006 U   B O4    
369 C  C5    . U   B 6 ? 0.1666 0.1394 0.1935 0.0270  -0.0078 0.0019  2006 U   B C5    
370 C  C6    . U   B 6 ? 0.1967 0.1776 0.2080 0.0337  0.0319  -0.0146 2006 U   B C6    
380 SR SR    . SR  C . ? 0.0851 0.0865 0.0936 0.0086  -0.0027 0.0025  9001 SR  A SR    
381 SR SR    . SR  D . ? 0.0739 0.0747 0.0790 0.0052  -0.0016 0.0015  9002 SR  A SR    
382 NA NA    A NA  E . ? 0.1251 0.1252 0.1262 0.0011  -0.0004 0.0003  9003 NA  A NA    
383 NA NA    B NA  E . ? 0.1104 0.1080 0.0946 -0.0161 0.0051  -0.0047 9003 NA  A NA    
384 SR SR    . SR  F . ? 0.1624 0.1544 0.1329 0.0542  0.0082  -0.0077 9004 SR  A SR    
385 SR SR    A SR  G . ? 0.1310 0.1351 0.1010 0.0269  0.0098  -0.0052 9005 SR  A SR    
386 SR SR    . SR  H . ? 0.0771 0.0780 0.0834 0.0064  -0.0020 0.0019  2101 SR  B SR    
387 SR SR    . SR  I . ? 0.0836 0.0845 0.0895 0.0059  -0.0019 0.0017  2102 SR  B SR    
388 NA NA    A NA  J . ? 0.1017 0.1061 0.1298 0.0285  -0.0090 0.0084  2103 NA  B NA    
389 NA NA    B NA  J . ? 0.1642 0.1670 0.1825 0.0186  -0.0058 0.0055  2103 NA  B NA    
390 CA CA    A CA  K . ? 0.1690 0.1300 0.0962 0.0041  -0.0247 0.0108  2104 CA  B CA    
392 O  O     B HOH M . ? 0.2181 0.2205 0.1873 0.1026  -0.0352 -0.0547 9101 HOH A O     
393 O  O     . HOH M . ? 0.5828 0.7215 0.2879 0.5180  0.2582  0.2363  9102 HOH A O     
394 O  O     . HOH M . ? 0.2225 0.2628 0.1682 -0.0110 0.0153  -0.0663 9103 HOH A O     
395 O  O     . HOH M . ? 0.1153 0.1017 0.1525 0.0108  0.0081  0.0083  9104 HOH A O     
396 O  O     A HOH M . ? 0.1704 0.1443 0.1424 0.0103  -0.0139 -0.0351 9105 HOH A O     
397 O  O     B HOH M . ? 0.1142 0.1194 0.1361 0.0043  -0.0210 0.0074  9105 HOH A O     
398 O  O     . HOH M . ? 0.4577 0.6477 0.6381 -0.1111 -0.1835 -0.0212 9106 HOH A O     
399 O  O     . HOH M . ? 0.7540 0.4669 0.2446 0.1199  -0.2170 -0.0921 9107 HOH A O     
400 O  O     . HOH M . ? 0.1909 0.2641 0.2035 0.0693  -0.0331 -0.0703 9108 HOH A O     
401 O  O     . HOH M . ? 0.1392 0.1043 0.1386 0.0199  0.0050  0.0080  9109 HOH A O     
402 O  O     . HOH M . ? 0.2424 0.2230 0.1578 0.0632  -0.0318 -0.0043 9110 HOH A O     
403 O  O     . HOH M . ? 0.1757 0.1686 0.2302 0.0386  0.0210  0.0301  9111 HOH A O     
404 O  O     . HOH M . ? 0.2279 0.2234 0.2393 0.0208  -0.0835 -0.0655 9112 HOH A O     
405 O  O     . HOH M . ? 0.4072 0.2129 0.4875 -0.0960 0.0073  -0.1321 9113 HOH A O     
406 O  O     A HOH M . ? 0.1428 0.1816 0.2226 -0.0139 0.0453  -0.0248 9114 HOH A O     
407 O  O     B HOH M . ? 0.3023 0.3719 0.2737 0.0025  0.0099  0.0081  9114 HOH A O     
408 O  O     . HOH M . ? 0.3788 0.2511 0.1490 0.0168  0.0551  -0.0018 9115 HOH A O     
409 O  O     . HOH M . ? 0.6396 0.5564 0.6068 -0.3711 -0.0541 -0.1781 9116 HOH A O     
410 O  O     . HOH M . ? 0.1957 0.3867 0.1319 -0.0487 -0.0223 0.0196  9117 HOH A O     
411 O  O     . HOH M . ? 0.1656 0.0983 0.1398 -0.0028 0.0344  -0.0003 9118 HOH A O     
412 O  O     . HOH M . ? 0.2030 0.3487 0.1333 0.0551  -0.0348 -0.0772 9119 HOH A O     
413 O  O     . HOH M . ? 0.5014 0.2998 0.6544 0.1173  -0.1520 0.1933  9120 HOH A O     
414 O  O     . HOH M . ? 0.5652 0.7048 0.3371 0.1311  -0.0202 -0.2439 9121 HOH A O     
415 O  O     . HOH M . ? 0.6407 0.4015 0.4692 -0.3036 0.2913  -0.1367 9122 HOH A O     
416 O  O     . HOH M . ? 0.9161 0.5803 0.7280 0.0733  -0.4100 0.2135  9123 HOH A O     
417 O  O     . HOH M . ? 0.1574 0.0997 0.1625 0.0053  -0.0170 -0.0420 9124 HOH A O     
420 O  O     . HOH M . ? 0.1384 0.1517 0.2283 0.0236  0.0581  0.0046  9126 HOH A O     
421 O  O     . HOH N . ? 0.2303 0.4820 0.2420 -0.0429 0.0321  0.1569  2201 HOH B O     
422 O  O     . HOH N . ? 0.2856 0.3532 0.1824 0.0543  0.0639  -0.0215 2202 HOH B O     
423 O  O     B HOH N . ? 0.2580 0.1339 0.1356 0.0192  0.0022  -0.0023 2203 HOH B O     
425 O  O     . HOH N . ? 0.2141 0.1773 0.1569 -0.0167 -0.0369 0.0028  2205 HOH B O     
426 O  O     . HOH N . ? 0.1452 0.1348 0.1225 0.0239  -0.0103 -0.0112 2206 HOH B O     
427 O  O     A HOH N . ? 0.1392 0.1475 0.1293 0.0300  -0.0238 0.0113  2207 HOH B O     
428 O  O     B HOH N . ? 0.3810 0.2432 0.0856 -0.2120 0.0694  -0.0588 2207 HOH B O     
429 O  O     A HOH N . ? 0.1905 0.1236 0.1642 -0.0427 -0.0106 0.0273  2208 HOH B O     
430 O  O     B HOH N . ? 0.4664 0.2777 0.3486 -0.0642 0.0029  0.1286  2208 HOH B O     
431 O  O     . HOH N . ? 0.1886 0.1894 0.1527 0.0225  -0.0342 0.0183  2209 HOH B O     
432 O  O     . HOH N . ? 0.2634 0.2683 0.1480 0.0108  0.0006  -0.0571 2210 HOH B O     
433 O  O     . HOH N . ? 0.1847 0.1948 0.1735 -0.0574 -0.0066 -0.0112 2211 HOH B O     
434 O  O     A HOH N . ? 0.1379 0.1399 0.1305 -0.0003 -0.0120 0.0161  2212 HOH B O     
435 O  O     B HOH N . ? 0.2046 0.1761 0.1383 0.0371  0.0252  0.0276  2212 HOH B O     
436 O  O     . HOH N . ? 0.1235 0.1219 0.2662 -0.0070 -0.0226 0.0351  2213 HOH B O     
437 O  O     . HOH N . ? 0.4848 0.1962 0.2426 -0.0815 0.0967  -0.0020 2214 HOH B O     
438 O  O     . HOH N . ? 0.4716 0.2777 0.2651 -0.1047 0.0591  0.0697  2215 HOH B O     
439 O  O     . HOH N . ? 0.2883 0.1719 0.1507 -0.0407 0.0754  -0.0385 2216 HOH B O     
440 O  O     A HOH N . ? 0.2235 0.4037 0.2191 -0.0576 -0.0415 0.1568  2217 HOH B O     
441 O  O     B HOH N . ? 0.2438 0.3823 0.3229 0.0116  0.0095  -0.0443 2217 HOH B O     
442 O  O     . HOH N . ? 0.1655 0.1746 0.1962 -0.0252 0.0138  -0.0722 2218 HOH B O     
443 O  O     . HOH N . ? 0.2115 0.5236 0.2788 -0.0578 0.0207  -0.0753 2219 HOH B O     
444 O  O     . HOH N . ? 0.1549 0.0926 0.1568 0.0103  -0.0390 0.0092  2220 HOH B O     
445 O  O     . HOH N . ? 0.3535 0.6089 0.3860 0.1461  0.0349  -0.1976 2221 HOH B O     
446 O  O     A HOH N . ? 0.1158 0.1996 0.1650 -0.0196 -0.0012 -0.0226 2222 HOH B O     
447 O  O     B HOH N . ? 0.1927 0.2062 0.1380 0.0548  -0.0351 -0.0020 2222 HOH B O     
448 O  O     A HOH N . ? 0.1264 0.1902 0.1575 -0.0285 0.0635  -0.0087 2223 HOH B O     
449 O  O     B HOH N . ? 0.1833 0.2530 0.2110 -0.0635 0.1235  -0.1059 2223 HOH B O     
450 O  O     A HOH N . ? 0.1624 0.1476 0.0780 0.0537  -0.0448 -0.0059 2224 HOH B O     
451 O  O     B HOH N . ? 0.2912 0.2523 0.4691 0.1000  0.0420  0.1217  2224 HOH B O     
452 O  O     . HOH N . ? 0.6099 0.4474 0.6124 0.1080  0.0048  0.2092  2225 HOH B O     
453 O  O     . HOH N . ? 0.3436 0.2856 0.3835 -0.0863 -0.1337 0.1027  2226 HOH B O     
454 O  O     . HOH N . ? 0.1186 0.2986 0.1391 -0.0407 -0.0189 0.0674  2227 HOH B O     
455 O  O     . HOH N . ? 0.2483 0.1522 0.2296 0.0009  0.0663  -0.0387 2228 HOH B O     
# 
